data_7SGI
#
_entry.id   7SGI
#
_cell.length_a   80.500
_cell.length_b   80.500
_cell.length_c   246.632
_cell.angle_alpha   90.000
_cell.angle_beta   90.000
_cell.angle_gamma   120.000
#
_symmetry.space_group_name_H-M   'P 31 2 1'
#
loop_
_entity.id
_entity.type
_entity.pdbx_description
1 polymer 'Polyamine deacetylase HDAC10'
2 non-polymer 5-[(2-anilino-2-oxoethyl)(methyl)amino]-N-hydroxypentanamide
3 non-polymer 'ZINC ION'
4 non-polymer 'POTASSIUM ION'
5 non-polymer 'PHOSPHATE ION'
6 non-polymer 'SODIUM ION'
7 water water
#
_entity_poly.entity_id   1
_entity_poly.type   'polypeptide(L)'
_entity_poly.pdbx_seq_one_letter_code
;AASGSALIFDEEMSRYKLLWTDPECEIEVPERLTVSYEALRTHGLAQRCKAVPVRQATEQEILLAHSEEYLEAVKQTPGM
NVEELMAFSKKYNAVYFHQNIYHCAKLAAGATLQLVDSVMKREVRNGMALVRPPGHHSQRSAANGFCVFNNVAFAALYAK
KNYNLNRILIVDWDVHHGQGIQYCFEEDPSVLYFSWHRYEHQSFWPNLPESDYSSVGKGKGSGFNINLPWNKVGMTNSDY
LAAFFHVLLPVAYEFDPELVIVSAGFDSAIGDPEGEMCALPEIFAHLTHLLMPLAAGKMCVVLEGGYNLTSLGQSVCQTV
HSLLGDPTPRISGLGTACDSALESIQNVRNVQSSYWSSFKHLAQSETNPKRPRLDATNGGPKESSEPASESNPKKTAQDI
VWPEPLKRMPASVRTVVVPPPGVELTLPKNCQHSGDISESTAKEVQRIRDKHFHDLTDQNILRSLGNIISVLDRMMRSDE
VCNGCVVVSDLSVSVQCALQHALTEPAERVLVVYVGDGELPVKTNDGKVFLVQICTKETEDKCVNRLTLCLREGESLTAG
FMQALLGLILPVAYEFNPALVLGIVEETAAKTRLMRVWGHMTCLIQGLARGRMLTLLQGYDKDLLELTVSALSGASISPL
GPLRAPKPEDVEMMEKQRQRLQERWGLLRCTVSESW
;
_entity_poly.pdbx_strand_id   A
#
loop_
_chem_comp.id
_chem_comp.type
_chem_comp.name
_chem_comp.formula
9DL non-polymer 5-[(2-anilino-2-oxoethyl)(methyl)amino]-N-hydroxypentanamide 'C14 H21 N3 O3'
K non-polymer 'POTASSIUM ION' 'K 1'
NA non-polymer 'SODIUM ION' 'Na 1'
PO4 non-polymer 'PHOSPHATE ION' 'O4 P -3'
ZN non-polymer 'ZINC ION' 'Zn 2'
#
# COMPACT_ATOMS: atom_id res chain seq x y z
N ALA A 1 -8.84 20.51 2.92
CA ALA A 1 -8.71 19.06 3.08
C ALA A 1 -7.72 18.76 4.20
N ALA A 2 -7.70 17.53 4.69
CA ALA A 2 -6.94 17.20 5.89
C ALA A 2 -5.44 17.11 5.60
N SER A 3 -4.66 17.41 6.63
CA SER A 3 -3.20 17.35 6.58
C SER A 3 -2.69 16.65 7.83
N GLY A 4 -1.49 16.10 7.74
CA GLY A 4 -0.81 15.54 8.89
C GLY A 4 -1.17 14.08 9.17
N SER A 5 -0.38 13.49 10.05
CA SER A 5 -0.47 12.08 10.42
C SER A 5 -0.49 12.00 11.95
N ALA A 6 -1.46 11.26 12.50
CA ALA A 6 -1.51 11.10 13.95
C ALA A 6 -0.62 9.95 14.40
N LEU A 7 0.01 10.13 15.55
CA LEU A 7 0.73 9.06 16.23
C LEU A 7 0.18 8.97 17.64
N ILE A 8 -0.36 7.82 17.98
CA ILE A 8 -1.04 7.66 19.25
C ILE A 8 -0.26 6.62 20.02
N PHE A 9 0.22 7.01 21.20
CA PHE A 9 1.11 6.16 21.95
C PHE A 9 1.09 6.60 23.39
N ASP A 10 1.22 5.64 24.31
CA ASP A 10 1.35 5.98 25.71
C ASP A 10 2.17 4.92 26.41
N GLU A 11 3.15 5.39 27.18
CA GLU A 11 4.04 4.53 27.95
C GLU A 11 3.28 3.60 28.88
N GLU A 12 2.04 3.94 29.24
CA GLU A 12 1.29 3.09 30.17
C GLU A 12 1.04 1.70 29.60
N MET A 13 0.87 1.58 28.28
CA MET A 13 0.61 0.28 27.67
C MET A 13 1.83 -0.64 27.70
N SER A 14 3.00 -0.14 28.08
CA SER A 14 4.13 -1.01 28.34
C SER A 14 4.19 -1.49 29.79
N ARG A 15 3.22 -1.14 30.62
CA ARG A 15 3.29 -1.45 32.06
C ARG A 15 2.44 -2.66 32.43
N TYR A 16 2.57 -3.72 31.64
CA TYR A 16 2.10 -5.05 31.98
C TYR A 16 3.00 -6.01 31.22
N LYS A 17 3.17 -7.22 31.78
CA LYS A 17 4.11 -8.20 31.24
C LYS A 17 3.80 -9.56 31.85
N LEU A 18 4.43 -10.58 31.28
CA LEU A 18 4.26 -11.97 31.72
C LEU A 18 4.94 -12.20 33.06
N LEU A 19 4.26 -12.88 33.98
CA LEU A 19 4.72 -13.01 35.36
C LEU A 19 5.09 -14.44 35.75
N TRP A 20 4.95 -15.41 34.85
CA TRP A 20 5.34 -16.78 35.12
C TRP A 20 6.01 -17.32 33.87
N THR A 21 6.62 -18.48 34.00
CA THR A 21 7.31 -19.07 32.86
C THR A 21 6.31 -19.63 31.85
N ASP A 22 6.44 -19.21 30.62
CA ASP A 22 5.59 -19.70 29.55
C ASP A 22 6.27 -19.43 28.22
N PRO A 23 6.93 -20.43 27.64
CA PRO A 23 7.63 -20.21 26.36
C PRO A 23 6.69 -19.79 25.23
N GLU A 24 5.40 -20.12 25.32
CA GLU A 24 4.43 -19.70 24.31
C GLU A 24 4.28 -18.19 24.29
N CYS A 25 4.34 -17.54 25.45
CA CYS A 25 3.94 -16.15 25.58
C CYS A 25 5.12 -15.20 25.76
N GLU A 26 6.30 -15.71 26.07
CA GLU A 26 7.37 -14.83 26.53
C GLU A 26 7.88 -13.89 25.46
N ILE A 27 7.50 -14.06 24.19
CA ILE A 27 7.93 -13.15 23.14
C ILE A 27 7.20 -11.83 23.20
N GLU A 28 6.04 -11.76 23.86
CA GLU A 28 5.22 -10.55 23.84
C GLU A 28 5.62 -9.69 25.03
N VAL A 29 6.50 -8.72 24.80
CA VAL A 29 7.16 -7.99 25.88
C VAL A 29 6.78 -6.52 25.79
N PRO A 30 6.82 -5.80 26.92
CA PRO A 30 6.64 -4.34 26.87
C PRO A 30 7.60 -3.65 25.93
N GLU A 31 8.83 -4.17 25.77
CA GLU A 31 9.84 -3.47 24.99
C GLU A 31 9.45 -3.33 23.52
N ARG A 32 8.49 -4.12 23.04
CA ARG A 32 8.00 -3.94 21.67
C ARG A 32 7.51 -2.50 21.46
N LEU A 33 6.77 -1.95 22.42
CA LEU A 33 6.28 -0.59 22.30
C LEU A 33 7.42 0.42 22.44
N THR A 34 8.25 0.25 23.47
CA THR A 34 9.29 1.24 23.72
C THR A 34 10.29 1.29 22.57
N VAL A 35 10.72 0.12 22.09
CA VAL A 35 11.61 0.08 20.92
C VAL A 35 10.95 0.71 19.70
N SER A 36 9.64 0.53 19.53
CA SER A 36 8.99 1.08 18.35
C SER A 36 8.88 2.61 18.42
N TYR A 37 8.46 3.13 19.56
CA TYR A 37 8.38 4.59 19.70
C TYR A 37 9.76 5.22 19.63
N GLU A 38 10.74 4.63 20.31
CA GLU A 38 12.10 5.17 20.30
C GLU A 38 12.69 5.17 18.88
N ALA A 39 12.41 4.14 18.09
CA ALA A 39 12.85 4.14 16.70
C ALA A 39 12.23 5.29 15.93
N LEU A 40 10.94 5.55 16.16
CA LEU A 40 10.28 6.69 15.53
C LEU A 40 10.92 8.00 15.96
N ARG A 41 11.31 8.12 17.23
CA ARG A 41 11.93 9.36 17.69
C ARG A 41 13.34 9.54 17.12
N THR A 42 14.16 8.47 17.15
CA THR A 42 15.51 8.53 16.56
C THR A 42 15.49 9.04 15.13
N HIS A 43 14.57 8.57 14.30
CA HIS A 43 14.53 8.94 12.90
C HIS A 43 13.71 10.20 12.65
N GLY A 44 13.33 10.92 13.70
CA GLY A 44 12.62 12.18 13.53
C GLY A 44 11.19 12.07 13.08
N LEU A 45 10.59 10.88 13.12
CA LEU A 45 9.26 10.70 12.55
C LEU A 45 8.17 11.02 13.56
N ALA A 46 8.37 10.62 14.82
CA ALA A 46 7.41 10.93 15.87
C ALA A 46 7.19 12.44 15.97
N GLN A 47 8.27 13.23 15.87
CA GLN A 47 8.20 14.68 15.96
C GLN A 47 7.39 15.31 14.83
N ARG A 48 7.26 14.63 13.68
CA ARG A 48 6.46 15.14 12.57
C ARG A 48 4.99 14.73 12.66
N CYS A 49 4.65 13.87 13.61
CA CYS A 49 3.28 13.40 13.77
C CYS A 49 2.53 14.23 14.81
N LYS A 50 1.22 14.37 14.60
CA LYS A 50 0.34 14.92 15.62
C LYS A 50 0.15 13.90 16.74
N ALA A 51 0.72 14.19 17.91
CA ALA A 51 0.49 13.33 19.07
C ALA A 51 -0.94 13.52 19.53
N VAL A 52 -1.70 12.44 19.56
CA VAL A 52 -3.09 12.42 19.99
C VAL A 52 -3.16 11.59 21.26
N PRO A 53 -3.74 12.10 22.35
CA PRO A 53 -3.73 11.36 23.61
C PRO A 53 -4.51 10.06 23.50
N VAL A 54 -4.02 9.08 24.25
CA VAL A 54 -4.74 7.85 24.53
C VAL A 54 -5.94 8.15 25.43
N ARG A 55 -6.99 7.33 25.32
CA ARG A 55 -8.10 7.37 26.28
C ARG A 55 -8.55 5.94 26.56
N GLN A 56 -9.40 5.78 27.57
CA GLN A 56 -10.01 4.50 27.85
C GLN A 56 -11.21 4.29 26.92
N ALA A 57 -11.32 3.09 26.35
CA ALA A 57 -12.60 2.70 25.79
C ALA A 57 -13.62 2.55 26.92
N THR A 58 -14.82 3.06 26.69
CA THR A 58 -15.88 2.94 27.68
C THR A 58 -16.46 1.53 27.68
N GLU A 59 -17.27 1.24 28.69
CA GLU A 59 -17.97 -0.04 28.74
C GLU A 59 -18.87 -0.23 27.52
N GLN A 60 -19.61 0.82 27.14
CA GLN A 60 -20.49 0.72 25.99
C GLN A 60 -19.71 0.41 24.72
N GLU A 61 -18.53 1.02 24.56
CA GLU A 61 -17.72 0.76 23.39
C GLU A 61 -17.22 -0.69 23.37
N ILE A 62 -16.77 -1.20 24.52
CA ILE A 62 -16.33 -2.59 24.59
C ILE A 62 -17.46 -3.53 24.21
N LEU A 63 -18.69 -3.24 24.64
CA LEU A 63 -19.83 -4.08 24.33
C LEU A 63 -20.22 -4.05 22.86
N LEU A 64 -19.59 -3.20 22.05
CA LEU A 64 -19.82 -3.27 20.60
C LEU A 64 -19.35 -4.59 20.03
N ALA A 65 -18.31 -5.18 20.61
CA ALA A 65 -17.69 -6.37 20.06
C ALA A 65 -17.61 -7.53 21.03
N HIS A 66 -17.85 -7.30 22.32
CA HIS A 66 -17.64 -8.34 23.32
C HIS A 66 -18.89 -8.48 24.18
N SER A 67 -19.00 -9.63 24.84
CA SER A 67 -20.18 -9.93 25.64
C SER A 67 -20.01 -9.39 27.06
N GLU A 68 -21.14 -9.11 27.71
CA GLU A 68 -21.11 -8.61 29.07
C GLU A 68 -20.44 -9.61 30.00
N GLU A 69 -20.66 -10.90 29.76
CA GLU A 69 -20.05 -11.94 30.59
C GLU A 69 -18.53 -11.90 30.50
N TYR A 70 -17.98 -11.75 29.29
CA TYR A 70 -16.53 -11.74 29.14
C TYR A 70 -15.93 -10.45 29.71
N LEU A 71 -16.59 -9.31 29.47
CA LEU A 71 -16.13 -8.05 30.05
C LEU A 71 -16.08 -8.14 31.58
N GLU A 72 -17.16 -8.64 32.20
CA GLU A 72 -17.18 -8.77 33.66
C GLU A 72 -16.06 -9.68 34.16
N ALA A 73 -15.78 -10.78 33.45
CA ALA A 73 -14.70 -11.63 33.92
C ALA A 73 -13.35 -10.91 33.83
N VAL A 74 -13.10 -10.21 32.72
CA VAL A 74 -11.84 -9.50 32.58
C VAL A 74 -11.75 -8.35 33.58
N LYS A 75 -12.87 -7.69 33.85
CA LYS A 75 -12.92 -6.57 34.80
C LYS A 75 -12.48 -6.98 36.20
N GLN A 76 -12.46 -8.28 36.52
CA GLN A 76 -12.03 -8.71 37.84
CA GLN A 76 -12.04 -8.80 37.81
C GLN A 76 -10.53 -9.03 37.90
N THR A 77 -9.82 -9.04 36.75
CA THR A 77 -8.41 -9.45 36.82
C THR A 77 -7.51 -8.44 37.55
N PRO A 78 -7.81 -7.13 37.62
CA PRO A 78 -6.93 -6.25 38.42
C PRO A 78 -6.91 -6.60 39.91
N GLY A 79 -7.98 -7.19 40.44
CA GLY A 79 -7.98 -7.64 41.82
C GLY A 79 -7.33 -8.99 42.06
N MET A 80 -6.76 -9.62 41.03
CA MET A 80 -6.26 -10.98 41.14
C MET A 80 -4.77 -11.00 41.50
N ASN A 81 -4.37 -11.96 42.32
CA ASN A 81 -2.96 -12.19 42.56
C ASN A 81 -2.41 -13.11 41.45
N VAL A 82 -1.13 -13.50 41.57
CA VAL A 82 -0.44 -14.20 40.49
C VAL A 82 -1.07 -15.57 40.24
N GLU A 83 -1.26 -16.37 41.30
CA GLU A 83 -1.93 -17.66 41.18
C GLU A 83 -3.27 -17.52 40.46
N GLU A 84 -4.10 -16.56 40.90
CA GLU A 84 -5.40 -16.38 40.28
C GLU A 84 -5.28 -15.95 38.84
N LEU A 85 -4.31 -15.08 38.53
CA LEU A 85 -4.12 -14.61 37.16
C LEU A 85 -3.67 -15.74 36.24
N MET A 86 -2.80 -16.63 36.74
CA MET A 86 -2.40 -17.81 35.97
C MET A 86 -3.58 -18.73 35.71
N ALA A 87 -4.38 -19.01 36.73
CA ALA A 87 -5.56 -19.86 36.55
C ALA A 87 -6.54 -19.23 35.55
N PHE A 88 -6.70 -17.90 35.59
CA PHE A 88 -7.59 -17.24 34.64
C PHE A 88 -7.01 -17.28 33.22
N SER A 89 -5.69 -17.12 33.08
CA SER A 89 -5.09 -17.17 31.74
C SER A 89 -5.21 -18.57 31.10
N LYS A 90 -5.14 -19.63 31.91
CA LYS A 90 -5.23 -21.01 31.43
C LYS A 90 -6.60 -21.35 30.85
N LYS A 91 -7.63 -20.53 31.08
CA LYS A 91 -8.91 -20.72 30.41
C LYS A 91 -8.86 -20.37 28.93
N TYR A 92 -7.76 -19.82 28.44
CA TYR A 92 -7.71 -19.33 27.09
C TYR A 92 -6.45 -19.85 26.42
N ASN A 93 -6.36 -19.66 25.12
CA ASN A 93 -5.25 -20.18 24.34
C ASN A 93 -4.22 -19.09 24.09
N ALA A 94 -2.98 -19.31 24.54
CA ALA A 94 -1.82 -18.46 24.26
C ALA A 94 -2.08 -16.99 24.63
N VAL A 95 -2.39 -16.78 25.89
CA VAL A 95 -2.61 -15.42 26.37
C VAL A 95 -2.33 -15.40 27.87
N TYR A 96 -1.77 -14.29 28.35
CA TYR A 96 -1.48 -14.13 29.77
C TYR A 96 -2.15 -12.85 30.26
N PHE A 97 -2.41 -12.83 31.56
CA PHE A 97 -3.04 -11.70 32.21
C PHE A 97 -2.11 -11.16 33.28
N HIS A 98 -2.36 -9.91 33.67
CA HIS A 98 -1.52 -9.16 34.59
C HIS A 98 -2.44 -8.12 35.25
N GLN A 99 -2.12 -7.77 36.50
CA GLN A 99 -2.98 -6.82 37.24
CA GLN A 99 -2.96 -6.83 37.25
C GLN A 99 -3.33 -5.59 36.42
N ASN A 100 -2.44 -5.15 35.54
CA ASN A 100 -2.66 -3.92 34.78
C ASN A 100 -3.15 -4.15 33.34
N ILE A 101 -3.39 -5.41 32.93
CA ILE A 101 -3.66 -5.64 31.50
C ILE A 101 -5.07 -5.19 31.12
N TYR A 102 -6.02 -5.24 32.06
CA TYR A 102 -7.37 -4.75 31.74
C TYR A 102 -7.34 -3.25 31.46
N HIS A 103 -6.67 -2.48 32.34
CA HIS A 103 -6.42 -1.06 32.11
C HIS A 103 -5.78 -0.84 30.74
N CYS A 104 -4.73 -1.60 30.44
CA CYS A 104 -3.98 -1.37 29.19
C CYS A 104 -4.84 -1.74 27.99
N ALA A 105 -5.63 -2.83 28.11
CA ALA A 105 -6.55 -3.22 27.05
C ALA A 105 -7.58 -2.13 26.76
N LYS A 106 -8.07 -1.44 27.80
CA LYS A 106 -8.98 -0.35 27.51
C LYS A 106 -8.27 0.81 26.85
N LEU A 107 -6.98 1.01 27.18
CA LEU A 107 -6.20 2.07 26.52
C LEU A 107 -5.89 1.72 25.07
N ALA A 108 -5.51 0.46 24.79
CA ALA A 108 -5.27 0.04 23.41
C ALA A 108 -6.51 0.25 22.57
N ALA A 109 -7.67 -0.12 23.11
CA ALA A 109 -8.92 0.09 22.40
C ALA A 109 -9.27 1.57 22.30
N GLY A 110 -9.12 2.32 23.40
CA GLY A 110 -9.40 3.74 23.33
C GLY A 110 -8.48 4.47 22.37
N ALA A 111 -7.19 4.13 22.39
CA ALA A 111 -6.26 4.74 21.44
C ALA A 111 -6.73 4.52 20.00
N THR A 112 -7.20 3.31 19.68
CA THR A 112 -7.69 3.03 18.34
C THR A 112 -8.87 3.93 17.97
N LEU A 113 -9.83 4.07 18.89
CA LEU A 113 -10.97 4.95 18.63
C LEU A 113 -10.54 6.40 18.48
N GLN A 114 -9.55 6.83 19.27
CA GLN A 114 -8.99 8.17 19.09
C GLN A 114 -8.45 8.34 17.68
N LEU A 115 -7.76 7.32 17.17
CA LEU A 115 -7.23 7.40 15.81
C LEU A 115 -8.35 7.47 14.79
N VAL A 116 -9.43 6.68 14.99
CA VAL A 116 -10.57 6.74 14.08
C VAL A 116 -11.21 8.13 14.08
N ASP A 117 -11.41 8.71 15.27
CA ASP A 117 -12.01 10.04 15.35
C ASP A 117 -11.13 11.10 14.68
N SER A 118 -9.82 11.06 14.92
CA SER A 118 -8.95 12.08 14.31
C SER A 118 -9.00 12.02 12.79
N VAL A 119 -9.02 10.81 12.23
CA VAL A 119 -9.06 10.65 10.77
C VAL A 119 -10.45 11.01 10.22
N MET A 120 -11.51 10.49 10.84
CA MET A 120 -12.85 10.71 10.30
C MET A 120 -13.33 12.15 10.52
N LYS A 121 -12.82 12.84 11.53
CA LYS A 121 -13.13 14.26 11.70
C LYS A 121 -12.26 15.16 10.84
N ARG A 122 -11.41 14.58 9.97
CA ARG A 122 -10.52 15.32 9.09
C ARG A 122 -9.51 16.16 9.86
N GLU A 123 -9.20 15.79 11.11
CA GLU A 123 -8.17 16.50 11.87
C GLU A 123 -6.77 16.09 11.44
N VAL A 124 -6.61 14.85 10.97
CA VAL A 124 -5.40 14.40 10.30
C VAL A 124 -5.82 13.62 9.06
N ARG A 125 -4.85 13.43 8.16
CA ARG A 125 -5.12 12.62 6.97
C ARG A 125 -5.18 11.12 7.31
N ASN A 126 -4.33 10.66 8.20
CA ASN A 126 -4.15 9.23 8.48
C ASN A 126 -3.41 9.15 9.80
N GLY A 127 -3.11 7.93 10.25
CA GLY A 127 -2.30 7.84 11.45
C GLY A 127 -2.02 6.41 11.85
N MET A 128 -1.28 6.29 12.94
CA MET A 128 -0.92 5.00 13.50
C MET A 128 -1.07 5.02 15.01
N ALA A 129 -1.57 3.92 15.56
CA ALA A 129 -1.66 3.68 16.99
C ALA A 129 -0.70 2.56 17.38
N LEU A 130 0.24 2.87 18.27
CA LEU A 130 1.16 1.88 18.81
C LEU A 130 0.59 1.41 20.14
N VAL A 131 0.00 0.22 20.15
CA VAL A 131 -0.81 -0.25 21.26
C VAL A 131 -0.35 -1.64 21.69
N ARG A 132 -0.63 -1.95 22.95
CA ARG A 132 -0.46 -3.25 23.60
C ARG A 132 -1.62 -3.29 24.59
N PRO A 133 -2.33 -4.41 24.75
CA PRO A 133 -2.16 -5.67 24.00
C PRO A 133 -2.72 -5.55 22.59
N PRO A 134 -2.25 -6.43 21.69
CA PRO A 134 -2.84 -6.49 20.36
C PRO A 134 -4.27 -7.01 20.42
N GLY A 135 -4.94 -7.00 19.27
CA GLY A 135 -6.35 -7.32 19.32
C GLY A 135 -6.93 -8.35 18.36
N HIS A 136 -6.27 -8.62 17.22
CA HIS A 136 -7.03 -9.24 16.13
C HIS A 136 -7.45 -10.69 16.42
N HIS A 137 -6.89 -11.35 17.44
CA HIS A 137 -7.32 -12.70 17.80
C HIS A 137 -8.46 -12.73 18.80
N SER A 138 -8.72 -11.65 19.53
CA SER A 138 -9.71 -11.73 20.59
C SER A 138 -11.12 -11.83 20.01
N GLN A 139 -11.99 -12.48 20.76
CA GLN A 139 -13.30 -12.84 20.25
C GLN A 139 -14.37 -12.34 21.19
N ARG A 140 -15.62 -12.44 20.75
N ARG A 140 -15.62 -12.43 20.73
CA ARG A 140 -16.75 -11.90 21.50
CA ARG A 140 -16.78 -11.95 21.47
C ARG A 140 -16.66 -12.25 22.98
C ARG A 140 -16.67 -12.26 22.97
N SER A 141 -16.30 -13.51 23.30
CA SER A 141 -16.22 -13.96 24.68
C SER A 141 -14.93 -14.69 24.99
N ALA A 142 -13.81 -14.31 24.35
CA ALA A 142 -12.54 -14.96 24.69
C ALA A 142 -11.33 -14.08 24.41
N ALA A 143 -10.37 -14.12 25.32
CA ALA A 143 -9.01 -13.69 25.04
C ALA A 143 -8.29 -14.79 24.27
N ASN A 144 -7.34 -14.40 23.43
CA ASN A 144 -6.69 -15.36 22.54
C ASN A 144 -5.42 -14.73 21.96
N GLY A 145 -4.33 -15.50 21.95
CA GLY A 145 -3.12 -15.08 21.26
C GLY A 145 -2.69 -13.67 21.60
N PHE A 146 -2.41 -13.41 22.88
CA PHE A 146 -1.96 -12.12 23.42
C PHE A 146 -3.01 -11.03 23.34
N CYS A 147 -4.20 -11.30 22.83
CA CYS A 147 -5.23 -10.29 22.64
C CYS A 147 -6.31 -10.39 23.71
N VAL A 148 -6.69 -9.25 24.29
CA VAL A 148 -7.80 -9.19 25.25
C VAL A 148 -9.06 -8.66 24.61
N PHE A 149 -8.98 -7.50 23.98
CA PHE A 149 -10.12 -6.93 23.27
C PHE A 149 -9.71 -6.68 21.85
N ASN A 150 -10.67 -6.72 20.93
CA ASN A 150 -10.34 -6.66 19.51
C ASN A 150 -10.34 -5.22 19.03
N ASN A 151 -9.15 -4.60 19.11
CA ASN A 151 -8.98 -3.17 18.84
C ASN A 151 -9.53 -2.79 17.48
N VAL A 152 -9.22 -3.59 16.45
CA VAL A 152 -9.56 -3.20 15.09
C VAL A 152 -11.03 -3.48 14.78
N ALA A 153 -11.60 -4.55 15.35
CA ALA A 153 -13.04 -4.76 15.23
C ALA A 153 -13.81 -3.59 15.86
N PHE A 154 -13.40 -3.17 17.07
CA PHE A 154 -13.91 -1.94 17.69
C PHE A 154 -13.91 -0.79 16.69
N ALA A 155 -12.76 -0.55 16.08
CA ALA A 155 -12.59 0.62 15.23
C ALA A 155 -13.59 0.64 14.09
N ALA A 156 -13.85 -0.53 13.48
CA ALA A 156 -14.80 -0.57 12.37
C ALA A 156 -16.25 -0.50 12.86
N LEU A 157 -16.55 -1.15 13.98
CA LEU A 157 -17.91 -1.05 14.52
C LEU A 157 -18.22 0.38 14.95
N TYR A 158 -17.25 1.04 15.61
CA TYR A 158 -17.37 2.44 16.02
C TYR A 158 -17.50 3.39 14.83
N ALA A 159 -16.71 3.17 13.78
CA ALA A 159 -16.82 4.03 12.59
C ALA A 159 -18.16 3.82 11.88
N LYS A 160 -18.68 2.59 11.87
CA LYS A 160 -20.03 2.37 11.35
C LYS A 160 -21.06 3.15 12.16
N LYS A 161 -21.02 3.02 13.49
CA LYS A 161 -22.07 3.58 14.32
C LYS A 161 -22.03 5.10 14.31
N ASN A 162 -20.84 5.70 14.49
CA ASN A 162 -20.76 7.14 14.72
C ASN A 162 -20.54 7.94 13.45
N TYR A 163 -20.20 7.31 12.33
CA TYR A 163 -20.04 8.05 11.08
C TYR A 163 -20.91 7.49 9.97
N ASN A 164 -21.70 6.46 10.25
CA ASN A 164 -22.68 5.90 9.31
C ASN A 164 -22.00 5.40 8.03
N LEU A 165 -20.82 4.83 8.18
CA LEU A 165 -20.09 4.32 7.02
C LEU A 165 -20.72 3.03 6.53
N ASN A 166 -20.71 2.84 5.22
CA ASN A 166 -21.25 1.62 4.60
C ASN A 166 -20.17 0.64 4.13
N ARG A 167 -18.94 1.09 3.91
CA ARG A 167 -17.89 0.22 3.40
C ARG A 167 -16.59 0.53 4.13
N ILE A 168 -16.10 -0.44 4.88
CA ILE A 168 -14.82 -0.35 5.57
C ILE A 168 -13.95 -1.52 5.11
N LEU A 169 -12.70 -1.22 4.72
CA LEU A 169 -11.70 -2.25 4.43
C LEU A 169 -10.79 -2.46 5.64
N ILE A 170 -10.63 -3.71 6.05
CA ILE A 170 -9.65 -4.10 7.06
C ILE A 170 -8.59 -4.95 6.37
N VAL A 171 -7.33 -4.53 6.47
CA VAL A 171 -6.17 -5.23 5.92
C VAL A 171 -5.35 -5.75 7.08
N ASP A 172 -5.22 -7.07 7.21
CA ASP A 172 -4.49 -7.70 8.32
C ASP A 172 -3.23 -8.32 7.73
N TRP A 173 -2.13 -7.58 7.78
CA TRP A 173 -0.88 -8.09 7.22
C TRP A 173 0.05 -8.64 8.29
N ASP A 174 -0.42 -8.69 9.54
CA ASP A 174 0.20 -9.53 10.55
C ASP A 174 0.37 -10.94 9.99
N VAL A 175 1.36 -11.68 10.49
CA VAL A 175 1.62 -13.01 9.94
C VAL A 175 0.65 -14.06 10.46
N HIS A 176 -0.12 -13.75 11.49
CA HIS A 176 -1.12 -14.66 12.03
C HIS A 176 -2.51 -14.28 11.51
N HIS A 177 -3.38 -15.28 11.42
CA HIS A 177 -4.76 -15.05 11.01
C HIS A 177 -5.53 -14.33 12.11
N GLY A 178 -6.18 -13.22 11.77
CA GLY A 178 -7.03 -12.56 12.76
C GLY A 178 -8.43 -13.12 12.83
N GLN A 179 -8.56 -14.33 13.41
CA GLN A 179 -9.85 -15.02 13.38
C GLN A 179 -10.91 -14.26 14.16
N GLY A 180 -10.52 -13.54 15.22
CA GLY A 180 -11.48 -12.69 15.92
C GLY A 180 -12.14 -11.67 15.01
N ILE A 181 -11.38 -11.08 14.10
CA ILE A 181 -11.97 -10.13 13.16
C ILE A 181 -12.86 -10.86 12.17
N GLN A 182 -12.39 -11.99 11.64
CA GLN A 182 -13.20 -12.76 10.69
C GLN A 182 -14.55 -13.16 11.29
N TYR A 183 -14.54 -13.77 12.48
CA TYR A 183 -15.79 -14.10 13.14
C TYR A 183 -16.67 -12.87 13.30
N CYS A 184 -16.07 -11.71 13.57
CA CYS A 184 -16.91 -10.59 13.97
C CYS A 184 -17.69 -10.08 12.78
N PHE A 185 -17.08 -10.09 11.58
CA PHE A 185 -17.73 -9.55 10.39
C PHE A 185 -18.08 -10.63 9.37
N GLU A 186 -18.19 -11.89 9.80
CA GLU A 186 -18.40 -12.99 8.87
C GLU A 186 -19.63 -12.77 7.99
N GLU A 187 -20.73 -12.29 8.57
CA GLU A 187 -21.97 -12.07 7.83
C GLU A 187 -22.18 -10.63 7.39
N ASP A 188 -21.17 -9.78 7.50
CA ASP A 188 -21.36 -8.35 7.28
C ASP A 188 -20.69 -7.91 5.97
N PRO A 189 -21.47 -7.57 4.94
CA PRO A 189 -20.85 -7.09 3.70
C PRO A 189 -20.38 -5.65 3.77
N SER A 190 -20.64 -4.94 4.88
CA SER A 190 -20.16 -3.57 4.98
C SER A 190 -18.69 -3.51 5.38
N VAL A 191 -18.11 -4.61 5.85
CA VAL A 191 -16.72 -4.63 6.30
C VAL A 191 -16.01 -5.73 5.53
N LEU A 192 -15.09 -5.36 4.65
CA LEU A 192 -14.31 -6.34 3.90
C LEU A 192 -13.01 -6.64 4.65
N TYR A 193 -12.83 -7.90 5.06
CA TYR A 193 -11.63 -8.34 5.76
C TYR A 193 -10.70 -9.13 4.83
N PHE A 194 -9.46 -8.66 4.68
CA PHE A 194 -8.40 -9.40 4.02
C PHE A 194 -7.33 -9.78 5.03
N SER A 195 -6.90 -11.05 5.01
CA SER A 195 -5.80 -11.50 5.86
C SER A 195 -4.89 -12.43 5.08
N TRP A 196 -3.58 -12.17 5.13
CA TRP A 196 -2.64 -13.23 4.77
C TRP A 196 -2.04 -13.76 6.05
N HIS A 197 -1.53 -15.00 6.01
CA HIS A 197 -1.06 -15.56 7.27
C HIS A 197 -0.35 -16.87 7.04
N ARG A 198 0.70 -17.10 7.83
CA ARG A 198 1.31 -18.40 7.88
C ARG A 198 0.28 -19.45 8.30
N TYR A 199 0.15 -20.50 7.50
CA TYR A 199 -0.88 -21.51 7.69
C TYR A 199 -0.26 -22.90 7.69
N GLU A 200 0.61 -23.17 6.72
CA GLU A 200 1.27 -24.46 6.57
C GLU A 200 0.25 -25.62 6.66
N HIS A 201 -0.79 -25.51 5.85
CA HIS A 201 -1.79 -26.57 5.69
C HIS A 201 -2.46 -26.86 7.02
N GLN A 202 -2.75 -25.79 7.76
CA GLN A 202 -3.42 -25.79 9.06
C GLN A 202 -2.50 -26.24 10.19
N SER A 203 -1.25 -26.57 9.93
CA SER A 203 -0.40 -26.94 11.06
C SER A 203 0.19 -25.75 11.83
N PHE A 204 0.00 -24.50 11.38
CA PHE A 204 0.53 -23.37 12.14
C PHE A 204 -0.57 -22.70 12.97
N TRP A 205 -0.23 -22.30 14.19
CA TRP A 205 -1.18 -21.67 15.11
C TRP A 205 -1.89 -20.51 14.41
N PRO A 206 -3.21 -20.35 14.62
CA PRO A 206 -4.14 -21.05 15.49
C PRO A 206 -4.81 -22.35 14.93
N ASN A 207 -4.30 -22.92 13.83
CA ASN A 207 -4.67 -24.28 13.40
C ASN A 207 -6.17 -24.38 13.08
N LEU A 208 -6.70 -23.42 12.34
CA LEU A 208 -8.13 -23.39 12.13
C LEU A 208 -8.48 -23.73 10.69
N PRO A 209 -9.37 -24.71 10.47
CA PRO A 209 -9.84 -24.96 9.11
C PRO A 209 -10.40 -23.70 8.45
N GLU A 210 -11.04 -22.82 9.22
CA GLU A 210 -11.66 -21.65 8.63
C GLU A 210 -10.69 -20.50 8.36
N SER A 211 -9.39 -20.68 8.61
CA SER A 211 -8.38 -19.74 8.12
C SER A 211 -7.95 -20.01 6.67
N ASP A 212 -8.56 -21.00 6.00
CA ASP A 212 -8.16 -21.36 4.65
C ASP A 212 -8.84 -20.44 3.64
N TYR A 213 -8.36 -20.50 2.40
CA TYR A 213 -8.90 -19.64 1.35
C TYR A 213 -10.38 -19.87 1.08
N SER A 214 -10.94 -20.98 1.54
CA SER A 214 -12.32 -21.27 1.18
C SER A 214 -13.34 -20.55 2.06
N SER A 215 -12.90 -19.95 3.17
CA SER A 215 -13.79 -19.13 4.01
C SER A 215 -13.93 -17.77 3.36
N VAL A 216 -15.06 -17.55 2.69
CA VAL A 216 -15.32 -16.32 1.94
C VAL A 216 -16.32 -15.43 2.65
N GLY A 217 -16.70 -15.76 3.88
CA GLY A 217 -17.82 -15.13 4.54
C GLY A 217 -19.07 -16.00 4.44
N LYS A 218 -20.11 -15.58 5.16
CA LYS A 218 -21.36 -16.32 5.27
C LYS A 218 -22.54 -15.40 4.97
N GLY A 219 -23.52 -15.93 4.23
CA GLY A 219 -24.80 -15.22 4.08
C GLY A 219 -24.64 -13.99 3.22
N LYS A 220 -25.22 -12.87 3.67
CA LYS A 220 -25.00 -11.61 2.96
C LYS A 220 -23.54 -11.17 2.99
N GLY A 221 -22.69 -11.78 3.83
CA GLY A 221 -21.28 -11.48 3.85
C GLY A 221 -20.40 -12.33 2.96
N SER A 222 -20.98 -13.19 2.10
CA SER A 222 -20.14 -14.01 1.24
C SER A 222 -19.39 -13.15 0.24
N GLY A 223 -18.08 -13.36 0.13
CA GLY A 223 -17.24 -12.53 -0.69
C GLY A 223 -16.51 -11.42 0.04
N PHE A 224 -16.90 -11.10 1.28
CA PHE A 224 -16.30 -9.98 2.02
C PHE A 224 -15.34 -10.47 3.10
N ASN A 225 -14.96 -11.74 3.02
CA ASN A 225 -13.87 -12.30 3.80
C ASN A 225 -12.92 -12.97 2.82
N ILE A 226 -11.64 -12.57 2.87
CA ILE A 226 -10.62 -13.03 1.93
C ILE A 226 -9.42 -13.48 2.74
N ASN A 227 -9.20 -14.80 2.79
CA ASN A 227 -8.07 -15.43 3.47
C ASN A 227 -7.06 -15.89 2.44
N LEU A 228 -5.80 -15.47 2.59
CA LEU A 228 -4.70 -15.94 1.75
C LEU A 228 -3.68 -16.69 2.60
N PRO A 229 -3.74 -18.02 2.65
CA PRO A 229 -2.85 -18.77 3.55
C PRO A 229 -1.47 -18.96 2.92
N TRP A 230 -0.42 -18.75 3.71
CA TRP A 230 0.95 -19.04 3.29
C TRP A 230 1.28 -20.46 3.75
N ASN A 231 1.50 -21.37 2.81
CA ASN A 231 1.66 -22.77 3.17
C ASN A 231 3.12 -23.18 3.25
N LYS A 232 4.04 -22.23 3.09
CA LYS A 232 5.46 -22.39 3.36
C LYS A 232 5.98 -21.12 4.03
N VAL A 233 7.05 -21.26 4.82
CA VAL A 233 7.71 -20.10 5.39
C VAL A 233 8.65 -19.53 4.35
N GLY A 234 9.35 -18.44 4.70
CA GLY A 234 10.30 -17.80 3.81
C GLY A 234 9.70 -16.93 2.72
N MET A 235 8.44 -16.51 2.85
CA MET A 235 7.85 -15.66 1.82
C MET A 235 8.61 -14.33 1.67
N THR A 236 8.68 -13.82 0.45
CA THR A 236 9.56 -12.70 0.11
C THR A 236 8.75 -11.47 -0.30
N ASN A 237 9.46 -10.36 -0.56
CA ASN A 237 8.80 -9.17 -1.09
C ASN A 237 7.95 -9.52 -2.30
N SER A 238 8.49 -10.35 -3.20
CA SER A 238 7.73 -10.72 -4.39
C SER A 238 6.42 -11.42 -4.05
N ASP A 239 6.42 -12.32 -3.06
CA ASP A 239 5.17 -12.97 -2.65
C ASP A 239 4.16 -11.95 -2.13
N TYR A 240 4.60 -11.06 -1.25
CA TYR A 240 3.71 -10.04 -0.68
C TYR A 240 3.14 -9.13 -1.75
N LEU A 241 3.98 -8.70 -2.69
CA LEU A 241 3.47 -7.79 -3.72
C LEU A 241 2.55 -8.52 -4.70
N ALA A 242 2.87 -9.78 -5.02
CA ALA A 242 1.95 -10.58 -5.85
C ALA A 242 0.58 -10.68 -5.17
N ALA A 243 0.57 -10.93 -3.86
CA ALA A 243 -0.68 -10.93 -3.10
C ALA A 243 -1.44 -9.61 -3.27
N PHE A 244 -0.74 -8.47 -3.19
CA PHE A 244 -1.42 -7.18 -3.32
C PHE A 244 -1.90 -6.92 -4.76
N PHE A 245 -1.03 -7.13 -5.75
CA PHE A 245 -1.43 -6.84 -7.13
C PHE A 245 -2.53 -7.78 -7.60
N HIS A 246 -2.50 -9.05 -7.20
CA HIS A 246 -3.40 -10.03 -7.83
C HIS A 246 -4.55 -10.48 -6.93
N VAL A 247 -4.59 -10.05 -5.67
CA VAL A 247 -5.75 -10.40 -4.83
C VAL A 247 -6.30 -9.15 -4.16
N LEU A 248 -5.50 -8.52 -3.29
CA LEU A 248 -6.03 -7.49 -2.39
C LEU A 248 -6.45 -6.23 -3.16
N LEU A 249 -5.53 -5.64 -3.92
CA LEU A 249 -5.84 -4.36 -4.55
C LEU A 249 -6.98 -4.42 -5.56
N PRO A 250 -7.06 -5.41 -6.46
CA PRO A 250 -8.23 -5.48 -7.35
C PRO A 250 -9.54 -5.48 -6.60
N VAL A 251 -9.59 -6.19 -5.46
CA VAL A 251 -10.81 -6.25 -4.67
C VAL A 251 -11.03 -4.90 -3.95
N ALA A 252 -9.98 -4.35 -3.36
CA ALA A 252 -10.12 -3.12 -2.57
C ALA A 252 -10.59 -1.94 -3.43
N TYR A 253 -9.99 -1.75 -4.62
CA TYR A 253 -10.41 -0.63 -5.46
C TYR A 253 -11.81 -0.82 -6.02
N GLU A 254 -12.27 -2.05 -6.19
CA GLU A 254 -13.65 -2.26 -6.62
C GLU A 254 -14.63 -2.08 -5.46
N PHE A 255 -14.26 -2.59 -4.29
CA PHE A 255 -15.03 -2.34 -3.06
C PHE A 255 -15.21 -0.85 -2.80
N ASP A 256 -14.17 -0.04 -3.07
CA ASP A 256 -14.16 1.41 -2.84
C ASP A 256 -14.50 1.76 -1.39
N PRO A 257 -13.66 1.41 -0.43
CA PRO A 257 -14.01 1.64 0.98
C PRO A 257 -14.03 3.13 1.32
N GLU A 258 -14.77 3.45 2.38
CA GLU A 258 -14.84 4.80 2.92
C GLU A 258 -13.83 5.01 4.03
N LEU A 259 -13.25 3.93 4.55
CA LEU A 259 -12.19 3.99 5.54
C LEU A 259 -11.36 2.73 5.40
N VAL A 260 -10.04 2.84 5.62
CA VAL A 260 -9.15 1.70 5.62
C VAL A 260 -8.53 1.59 7.01
N ILE A 261 -8.65 0.42 7.61
CA ILE A 261 -8.01 0.10 8.89
C ILE A 261 -7.02 -1.04 8.62
N VAL A 262 -5.78 -0.87 9.08
CA VAL A 262 -4.75 -1.89 8.92
C VAL A 262 -4.50 -2.54 10.27
N SER A 263 -4.68 -3.86 10.35
CA SER A 263 -4.11 -4.68 11.42
C SER A 263 -2.66 -4.93 11.07
N ALA A 264 -1.79 -4.07 11.59
CA ALA A 264 -0.40 -3.99 11.18
C ALA A 264 0.47 -4.75 12.16
N GLY A 265 0.60 -6.06 11.93
CA GLY A 265 1.59 -6.87 12.62
C GLY A 265 2.82 -7.00 11.75
N PHE A 266 3.98 -6.76 12.34
CA PHE A 266 5.24 -6.84 11.63
C PHE A 266 5.99 -8.12 11.94
N ASP A 267 5.31 -9.10 12.56
CA ASP A 267 5.87 -10.44 12.59
C ASP A 267 5.82 -11.12 11.21
N SER A 268 5.38 -10.41 10.19
CA SER A 268 5.49 -10.87 8.82
C SER A 268 6.79 -10.41 8.15
N ALA A 269 7.68 -9.74 8.88
CA ALA A 269 8.94 -9.23 8.39
C ALA A 269 10.08 -10.19 8.67
N ILE A 270 11.14 -10.08 7.85
CA ILE A 270 12.34 -10.90 8.03
C ILE A 270 12.83 -10.81 9.45
N GLY A 271 13.35 -11.92 9.97
CA GLY A 271 13.91 -11.98 11.30
C GLY A 271 12.91 -12.30 12.41
N ASP A 272 11.63 -12.29 12.11
CA ASP A 272 10.69 -12.54 13.20
C ASP A 272 10.65 -14.03 13.54
N PRO A 273 10.70 -14.39 14.82
CA PRO A 273 10.73 -15.82 15.18
C PRO A 273 9.38 -16.51 15.04
N GLU A 274 8.27 -15.76 15.01
CA GLU A 274 6.96 -16.35 14.77
C GLU A 274 6.65 -16.52 13.29
N GLY A 275 6.92 -15.50 12.47
CA GLY A 275 6.57 -15.57 11.08
C GLY A 275 7.54 -16.38 10.24
N GLU A 276 8.84 -16.21 10.49
CA GLU A 276 9.90 -16.83 9.69
C GLU A 276 9.77 -16.50 8.21
N MET A 277 9.19 -15.35 7.89
CA MET A 277 9.17 -14.87 6.52
C MET A 277 10.47 -14.08 6.23
N CYS A 278 10.63 -13.67 4.97
CA CYS A 278 11.85 -13.01 4.49
C CYS A 278 11.59 -11.64 3.85
N ALA A 279 10.41 -11.07 4.06
CA ALA A 279 10.14 -9.74 3.51
C ALA A 279 10.91 -8.67 4.29
N LEU A 280 11.44 -7.71 3.57
CA LEU A 280 12.25 -6.67 4.18
C LEU A 280 11.36 -5.60 4.80
N PRO A 281 11.85 -4.87 5.80
CA PRO A 281 11.04 -3.80 6.39
C PRO A 281 10.55 -2.80 5.35
N GLU A 282 11.34 -2.59 4.29
CA GLU A 282 10.98 -1.67 3.22
C GLU A 282 9.69 -2.04 2.51
N ILE A 283 9.28 -3.31 2.54
CA ILE A 283 8.03 -3.70 1.86
C ILE A 283 6.83 -2.99 2.52
N PHE A 284 6.92 -2.70 3.81
CA PHE A 284 5.77 -2.08 4.47
C PHE A 284 5.56 -0.64 4.04
N ALA A 285 6.62 0.04 3.57
CA ALA A 285 6.45 1.33 2.93
C ALA A 285 5.55 1.23 1.72
N HIS A 286 5.66 0.13 0.97
CA HIS A 286 4.88 -0.01 -0.25
C HIS A 286 3.49 -0.55 0.00
N LEU A 287 3.36 -1.48 0.96
CA LEU A 287 2.03 -1.94 1.36
C LEU A 287 1.18 -0.79 1.84
N THR A 288 1.78 0.14 2.60
CA THR A 288 1.09 1.37 3.00
C THR A 288 0.78 2.23 1.79
N HIS A 289 1.79 2.48 0.95
CA HIS A 289 1.63 3.39 -0.18
C HIS A 289 0.55 2.91 -1.15
N LEU A 290 0.51 1.61 -1.43
CA LEU A 290 -0.44 1.08 -2.41
C LEU A 290 -1.88 1.19 -1.95
N LEU A 291 -2.12 1.29 -0.63
CA LEU A 291 -3.46 1.48 -0.06
C LEU A 291 -3.83 2.94 0.16
N MET A 292 -2.88 3.86 0.09
CA MET A 292 -3.22 5.25 0.40
C MET A 292 -4.16 5.93 -0.60
N PRO A 293 -4.23 5.53 -1.87
CA PRO A 293 -5.27 6.11 -2.74
C PRO A 293 -6.68 5.63 -2.42
N LEU A 294 -6.88 4.73 -1.48
CA LEU A 294 -8.25 4.35 -1.11
C LEU A 294 -8.81 5.32 -0.08
N ALA A 295 -10.13 5.53 -0.15
CA ALA A 295 -10.86 6.28 0.87
C ALA A 295 -10.27 7.67 1.08
N ALA A 296 -9.83 8.30 -0.02
CA ALA A 296 -9.18 9.61 0.02
C ALA A 296 -8.04 9.65 1.04
N GLY A 297 -7.34 8.53 1.20
CA GLY A 297 -6.19 8.47 2.08
C GLY A 297 -6.51 8.22 3.54
N LYS A 298 -7.78 8.06 3.91
CA LYS A 298 -8.17 7.90 5.32
C LYS A 298 -7.79 6.50 5.81
N MET A 299 -6.65 6.40 6.48
CA MET A 299 -6.09 5.11 6.82
C MET A 299 -5.66 5.13 8.28
N CYS A 300 -6.17 4.18 9.06
CA CYS A 300 -5.81 3.99 10.45
C CYS A 300 -4.99 2.72 10.58
N VAL A 301 -3.71 2.87 10.86
CA VAL A 301 -2.80 1.76 11.07
C VAL A 301 -2.76 1.44 12.55
N VAL A 302 -2.99 0.18 12.91
CA VAL A 302 -3.08 -0.23 14.30
C VAL A 302 -2.09 -1.36 14.53
N LEU A 303 -1.20 -1.18 15.49
CA LEU A 303 -0.19 -2.20 15.78
C LEU A 303 -0.82 -3.47 16.31
N GLU A 304 -0.43 -4.61 15.71
CA GLU A 304 -0.77 -5.94 16.22
C GLU A 304 0.49 -6.63 16.77
N GLY A 305 1.04 -7.62 16.07
CA GLY A 305 2.23 -8.33 16.51
C GLY A 305 3.52 -7.75 15.92
N GLY A 306 4.62 -8.51 16.13
CA GLY A 306 5.98 -8.14 15.70
C GLY A 306 7.00 -8.29 16.82
N TYR A 307 7.94 -9.23 16.71
CA TYR A 307 8.65 -9.68 17.91
C TYR A 307 10.15 -9.60 17.84
N ASN A 308 10.73 -9.37 16.67
CA ASN A 308 12.17 -9.17 16.60
C ASN A 308 12.35 -7.68 16.79
N LEU A 309 12.90 -7.30 17.93
CA LEU A 309 12.91 -5.89 18.31
C LEU A 309 13.55 -5.01 17.22
N THR A 310 14.37 -5.60 16.35
CA THR A 310 15.07 -4.83 15.33
C THR A 310 14.25 -4.68 14.04
N SER A 311 13.84 -5.79 13.41
CA SER A 311 12.93 -5.62 12.28
C SER A 311 11.66 -4.88 12.67
N LEU A 312 11.30 -4.91 13.96
CA LEU A 312 10.09 -4.22 14.41
C LEU A 312 10.25 -2.71 14.28
N GLY A 313 11.32 -2.16 14.86
CA GLY A 313 11.55 -0.73 14.74
C GLY A 313 11.64 -0.25 13.31
N GLN A 314 12.33 -1.02 12.45
CA GLN A 314 12.53 -0.57 11.08
C GLN A 314 11.24 -0.63 10.28
N SER A 315 10.39 -1.64 10.53
CA SER A 315 9.15 -1.72 9.77
C SER A 315 8.15 -0.67 10.22
N VAL A 316 8.10 -0.35 11.51
CA VAL A 316 7.26 0.75 12.00
C VAL A 316 7.67 2.06 11.33
N CYS A 317 8.98 2.33 11.26
CA CYS A 317 9.44 3.56 10.63
C CYS A 317 9.07 3.61 9.16
N GLN A 318 9.21 2.48 8.44
CA GLN A 318 8.86 2.46 7.03
C GLN A 318 7.38 2.74 6.83
N THR A 319 6.53 2.28 7.74
CA THR A 319 5.11 2.57 7.63
C THR A 319 4.84 4.06 7.88
N VAL A 320 5.39 4.61 8.96
CA VAL A 320 5.12 6.02 9.27
C VAL A 320 5.66 6.94 8.17
N HIS A 321 6.86 6.64 7.65
CA HIS A 321 7.41 7.38 6.52
C HIS A 321 6.40 7.52 5.39
N SER A 322 5.75 6.42 5.03
CA SER A 322 4.78 6.42 3.95
C SER A 322 3.50 7.16 4.33
N LEU A 323 3.05 7.04 5.58
CA LEU A 323 1.91 7.84 6.04
C LEU A 323 2.20 9.33 5.91
N LEU A 324 3.41 9.75 6.31
CA LEU A 324 3.83 11.14 6.15
C LEU A 324 4.09 11.54 4.70
N GLY A 325 4.01 10.62 3.75
CA GLY A 325 4.25 10.94 2.35
C GLY A 325 5.71 11.00 1.93
N ASP A 326 6.64 10.46 2.71
CA ASP A 326 8.03 10.44 2.30
C ASP A 326 8.23 9.51 1.10
N PRO A 327 9.29 9.71 0.31
CA PRO A 327 9.48 8.86 -0.88
C PRO A 327 9.72 7.40 -0.52
N THR A 328 9.15 6.51 -1.31
CA THR A 328 9.23 5.09 -1.04
C THR A 328 10.61 4.55 -1.47
N PRO A 329 11.23 3.66 -0.70
CA PRO A 329 12.52 3.11 -1.11
C PRO A 329 12.36 2.16 -2.29
N ARG A 330 13.38 2.12 -3.14
CA ARG A 330 13.38 1.20 -4.28
C ARG A 330 13.48 -0.24 -3.80
N ILE A 331 12.66 -1.13 -4.37
CA ILE A 331 12.71 -2.56 -4.06
C ILE A 331 13.39 -3.26 -5.24
N SER A 332 14.57 -3.82 -4.99
CA SER A 332 15.33 -4.56 -5.99
C SER A 332 15.11 -6.07 -5.86
N GLY A 333 15.47 -6.80 -6.92
CA GLY A 333 15.42 -8.25 -6.89
C GLY A 333 14.05 -8.88 -6.94
N LEU A 334 13.04 -8.19 -7.44
CA LEU A 334 11.69 -8.74 -7.48
C LEU A 334 11.50 -9.66 -8.68
N GLY A 335 10.59 -10.62 -8.53
CA GLY A 335 10.31 -11.57 -9.59
C GLY A 335 9.07 -12.39 -9.31
N THR A 336 9.03 -13.63 -9.80
CA THR A 336 7.87 -14.46 -9.57
C THR A 336 7.70 -14.77 -8.08
N ALA A 337 6.44 -14.81 -7.63
CA ALA A 337 6.16 -15.46 -6.36
C ALA A 337 6.60 -16.92 -6.41
N CYS A 338 6.91 -17.49 -5.25
CA CYS A 338 7.24 -18.92 -5.27
C CYS A 338 5.98 -19.76 -5.56
N ASP A 339 6.22 -21.05 -5.86
CA ASP A 339 5.14 -21.95 -6.28
C ASP A 339 4.04 -22.07 -5.23
N SER A 340 4.42 -22.21 -3.95
CA SER A 340 3.43 -22.30 -2.88
C SER A 340 2.54 -21.05 -2.84
N ALA A 341 3.15 -19.86 -2.92
CA ALA A 341 2.38 -18.62 -2.94
C ALA A 341 1.47 -18.55 -4.16
N LEU A 342 1.98 -18.94 -5.31
CA LEU A 342 1.16 -18.86 -6.52
C LEU A 342 -0.04 -19.78 -6.44
N GLU A 343 0.14 -20.95 -5.80
CA GLU A 343 -0.97 -21.86 -5.56
C GLU A 343 -2.01 -21.24 -4.63
N SER A 344 -1.56 -20.68 -3.49
CA SER A 344 -2.48 -19.95 -2.60
C SER A 344 -3.20 -18.85 -3.35
N ILE A 345 -2.46 -18.06 -4.13
CA ILE A 345 -3.04 -16.92 -4.85
C ILE A 345 -4.09 -17.40 -5.85
N GLN A 346 -3.74 -18.44 -6.61
CA GLN A 346 -4.66 -18.95 -7.61
C GLN A 346 -5.90 -19.57 -6.96
N ASN A 347 -5.73 -20.22 -5.82
CA ASN A 347 -6.87 -20.83 -5.15
C ASN A 347 -7.84 -19.78 -4.62
N VAL A 348 -7.31 -18.73 -3.97
CA VAL A 348 -8.21 -17.70 -3.45
CA VAL A 348 -8.16 -17.65 -3.45
C VAL A 348 -8.90 -16.97 -4.60
N ARG A 349 -8.19 -16.69 -5.69
CA ARG A 349 -8.80 -16.01 -6.82
C ARG A 349 -9.95 -16.84 -7.41
N ASN A 350 -9.79 -18.16 -7.44
CA ASN A 350 -10.80 -19.02 -8.05
C ASN A 350 -12.06 -19.07 -7.17
N VAL A 351 -11.91 -19.29 -5.87
CA VAL A 351 -13.08 -19.33 -4.98
CA VAL A 351 -13.07 -19.33 -4.96
C VAL A 351 -13.75 -17.97 -4.90
N GLN A 352 -12.98 -16.88 -5.00
CA GLN A 352 -13.55 -15.54 -4.96
C GLN A 352 -14.13 -15.08 -6.28
N SER A 353 -13.93 -15.84 -7.37
CA SER A 353 -14.38 -15.43 -8.69
C SER A 353 -15.89 -15.26 -8.77
N SER A 354 -16.65 -15.93 -7.89
CA SER A 354 -18.10 -15.76 -7.88
C SER A 354 -18.52 -14.38 -7.39
N TYR A 355 -17.62 -13.65 -6.74
CA TYR A 355 -18.00 -12.44 -6.02
C TYR A 355 -17.36 -11.16 -6.54
N TRP A 356 -16.23 -11.23 -7.21
CA TRP A 356 -15.48 -10.03 -7.55
C TRP A 356 -15.24 -9.93 -9.04
N SER A 357 -15.41 -8.72 -9.58
CA SER A 357 -15.28 -8.47 -11.02
C SER A 357 -13.91 -8.88 -11.55
N SER A 358 -12.84 -8.39 -10.91
CA SER A 358 -11.49 -8.67 -11.40
C SER A 358 -11.24 -10.16 -11.65
N PHE A 359 -11.86 -11.04 -10.86
CA PHE A 359 -11.65 -12.47 -10.97
C PHE A 359 -12.70 -13.17 -11.83
N LYS A 360 -13.78 -12.46 -12.19
CA LYS A 360 -14.97 -13.11 -12.75
C LYS A 360 -14.66 -13.89 -14.03
N HIS A 361 -13.70 -13.41 -14.82
CA HIS A 361 -13.31 -14.09 -16.06
C HIS A 361 -12.73 -15.47 -15.80
N LEU A 362 -12.28 -15.76 -14.57
CA LEU A 362 -11.76 -17.09 -14.29
C LEU A 362 -12.86 -18.15 -14.24
N ALA A 363 -14.12 -17.75 -14.03
CA ALA A 363 -15.20 -18.71 -13.82
C ALA A 363 -15.75 -19.33 -15.12
N GLN A 364 -15.63 -18.66 -16.25
CA GLN A 364 -16.18 -19.16 -17.51
C GLN A 364 -15.07 -19.67 -18.43
N SER A 365 -15.48 -20.34 -19.51
CA SER A 365 -14.51 -20.87 -20.47
C SER A 365 -13.86 -19.77 -21.30
N GLU A 366 -14.63 -18.72 -21.65
CA GLU A 366 -14.13 -17.63 -22.46
C GLU A 366 -12.80 -17.07 -21.93
N THR A 367 -12.79 -16.68 -20.65
CA THR A 367 -11.54 -16.33 -19.94
C THR A 367 -10.74 -15.23 -20.65
N ASP A 399 19.68 -14.55 15.11
CA ASP A 399 20.94 -14.50 14.38
C ASP A 399 20.72 -14.21 12.88
N ILE A 400 19.53 -13.72 12.53
CA ILE A 400 19.23 -13.30 11.16
C ILE A 400 19.63 -11.85 10.99
N VAL A 401 20.42 -11.57 9.94
CA VAL A 401 20.88 -10.23 9.62
C VAL A 401 20.38 -9.86 8.23
N TRP A 402 20.16 -8.57 8.02
CA TRP A 402 19.78 -8.03 6.72
C TRP A 402 20.30 -6.59 6.64
N PRO A 403 20.50 -6.06 5.44
CA PRO A 403 20.94 -4.67 5.32
C PRO A 403 19.96 -3.71 5.97
N GLU A 404 20.49 -2.79 6.77
CA GLU A 404 19.62 -1.83 7.45
C GLU A 404 19.05 -0.84 6.42
N PRO A 405 17.78 -0.47 6.56
CA PRO A 405 17.13 0.40 5.56
C PRO A 405 17.83 1.76 5.45
N LEU A 406 17.89 2.27 4.21
CA LEU A 406 18.47 3.56 3.92
C LEU A 406 17.55 4.70 4.38
N LYS A 407 18.14 5.89 4.53
CA LYS A 407 17.38 7.05 4.98
C LYS A 407 16.38 7.50 3.92
N ARG A 408 15.17 7.87 4.35
CA ARG A 408 14.14 8.41 3.46
C ARG A 408 13.90 9.87 3.84
N MET A 409 14.09 10.76 2.85
CA MET A 409 14.08 12.20 3.10
C MET A 409 12.97 12.86 2.27
N PRO A 410 12.03 13.59 2.88
CA PRO A 410 11.10 14.41 2.08
C PRO A 410 11.84 15.55 1.40
N ALA A 411 11.61 15.72 0.10
CA ALA A 411 12.29 16.75 -0.67
C ALA A 411 11.95 18.15 -0.14
N SER A 412 12.89 19.08 -0.29
CA SER A 412 12.70 20.46 0.15
C SER A 412 11.41 21.04 -0.42
N VAL A 413 11.35 21.13 -1.75
CA VAL A 413 10.10 21.24 -2.49
C VAL A 413 9.86 19.88 -3.15
N ARG A 414 8.63 19.38 -3.04
CA ARG A 414 8.35 18.06 -3.57
C ARG A 414 8.17 18.09 -5.09
N THR A 415 7.43 19.06 -5.60
CA THR A 415 7.02 19.09 -6.99
C THR A 415 7.34 20.45 -7.59
N VAL A 416 8.01 20.45 -8.74
CA VAL A 416 8.21 21.65 -9.55
C VAL A 416 7.27 21.58 -10.73
N VAL A 417 6.69 22.72 -11.10
CA VAL A 417 5.69 22.80 -12.16
C VAL A 417 6.12 23.88 -13.14
N VAL A 418 5.96 23.59 -14.43
CA VAL A 418 6.33 24.52 -15.49
C VAL A 418 5.14 24.65 -16.42
N PRO A 419 4.15 25.47 -16.07
CA PRO A 419 3.01 25.70 -16.98
C PRO A 419 3.44 26.60 -18.14
N PRO A 420 2.60 26.76 -19.15
CA PRO A 420 2.97 27.60 -20.30
C PRO A 420 3.38 29.01 -19.85
N PRO A 421 4.06 29.75 -20.71
CA PRO A 421 4.53 31.10 -20.33
C PRO A 421 3.38 31.99 -19.87
N GLY A 422 3.51 32.53 -18.67
CA GLY A 422 2.54 33.48 -18.15
C GLY A 422 1.21 32.89 -17.76
N VAL A 423 1.18 31.62 -17.34
CA VAL A 423 -0.01 30.99 -16.81
C VAL A 423 0.23 30.84 -15.31
N GLU A 424 -0.34 31.74 -14.52
CA GLU A 424 -0.11 31.76 -13.08
C GLU A 424 -1.22 30.98 -12.39
N LEU A 425 -0.85 29.89 -11.72
CA LEU A 425 -1.80 29.01 -11.04
C LEU A 425 -1.50 28.97 -9.56
N THR A 426 -2.48 28.54 -8.78
CA THR A 426 -2.35 28.38 -7.34
C THR A 426 -1.81 26.99 -7.04
N LEU A 427 -0.63 26.94 -6.41
CA LEU A 427 0.05 25.68 -6.15
C LEU A 427 -0.07 25.26 -4.68
N PRO A 428 -0.19 23.96 -4.39
CA PRO A 428 -0.05 23.49 -3.01
C PRO A 428 1.26 23.97 -2.41
N LYS A 429 1.29 24.07 -1.07
CA LYS A 429 2.40 24.74 -0.38
C LYS A 429 3.73 24.02 -0.56
N ASN A 430 3.74 22.79 -1.09
CA ASN A 430 4.95 22.05 -1.35
C ASN A 430 5.24 21.91 -2.85
N CYS A 431 4.72 22.83 -3.66
CA CYS A 431 5.03 22.95 -5.08
C CYS A 431 5.69 24.30 -5.35
N GLN A 432 6.14 24.48 -6.58
CA GLN A 432 6.98 25.61 -6.93
C GLN A 432 7.10 25.66 -8.45
N HIS A 433 7.28 26.87 -8.98
CA HIS A 433 7.48 27.04 -10.41
C HIS A 433 8.90 26.64 -10.80
N SER A 434 9.13 26.56 -12.12
CA SER A 434 10.37 26.04 -12.71
C SER A 434 11.66 26.42 -11.97
N ILE A 437 16.46 28.83 -15.54
CA ILE A 437 17.33 28.21 -16.53
C ILE A 437 18.73 28.80 -16.45
N SER A 438 19.70 28.01 -15.96
CA SER A 438 21.03 28.53 -15.71
C SER A 438 21.82 28.67 -17.02
N GLU A 439 23.07 29.11 -16.89
CA GLU A 439 23.94 29.24 -18.07
C GLU A 439 24.36 27.86 -18.58
N SER A 440 24.76 26.97 -17.67
CA SER A 440 25.08 25.60 -18.05
C SER A 440 23.94 24.98 -18.85
N THR A 441 22.72 25.07 -18.31
CA THR A 441 21.57 24.45 -18.95
C THR A 441 21.33 25.01 -20.35
N ALA A 442 21.33 26.34 -20.48
CA ALA A 442 21.07 26.95 -21.78
C ALA A 442 22.13 26.58 -22.80
N LYS A 443 23.39 26.46 -22.36
CA LYS A 443 24.44 25.95 -23.24
C LYS A 443 24.16 24.52 -23.70
N GLU A 444 23.55 23.70 -22.84
CA GLU A 444 23.23 22.32 -23.20
C GLU A 444 22.16 22.25 -24.28
N VAL A 445 21.15 23.13 -24.22
CA VAL A 445 20.11 23.11 -25.24
C VAL A 445 20.67 23.53 -26.59
N GLN A 446 21.61 24.49 -26.59
CA GLN A 446 22.27 24.86 -27.83
C GLN A 446 23.06 23.68 -28.40
N ARG A 447 23.88 23.04 -27.55
CA ARG A 447 24.61 21.83 -27.96
C ARG A 447 23.66 20.79 -28.56
N ILE A 448 22.56 20.49 -27.87
CA ILE A 448 21.62 19.48 -28.34
C ILE A 448 20.94 19.93 -29.63
N ARG A 449 20.59 21.21 -29.74
CA ARG A 449 19.91 21.69 -30.94
C ARG A 449 20.77 21.52 -32.18
N ASP A 450 22.06 21.86 -32.07
CA ASP A 450 22.94 21.87 -33.24
C ASP A 450 23.21 20.47 -33.76
N LYS A 451 23.21 19.46 -32.88
CA LYS A 451 23.51 18.10 -33.31
C LYS A 451 22.29 17.37 -33.85
N HIS A 452 21.15 17.46 -33.15
CA HIS A 452 20.03 16.57 -33.44
C HIS A 452 18.81 17.27 -34.04
N PHE A 453 18.67 18.57 -33.89
CA PHE A 453 17.49 19.25 -34.40
C PHE A 453 17.86 20.49 -35.19
N ASP A 455 16.15 22.20 -39.28
CA ASP A 455 16.69 22.52 -37.96
C ASP A 455 15.66 23.30 -37.14
N LEU A 456 15.66 23.08 -35.83
CA LEU A 456 14.63 23.63 -34.96
C LEU A 456 15.05 25.00 -34.45
N THR A 457 14.11 25.96 -34.54
CA THR A 457 14.37 27.32 -34.06
C THR A 457 13.20 27.91 -33.28
N ASP A 458 12.01 27.30 -33.29
CA ASP A 458 10.90 27.63 -32.41
C ASP A 458 11.37 27.92 -30.99
N GLN A 459 11.57 29.19 -30.66
CA GLN A 459 12.25 29.58 -29.42
C GLN A 459 11.47 29.20 -28.16
N ASN A 460 10.23 28.73 -28.29
CA ASN A 460 9.47 28.28 -27.13
C ASN A 460 9.62 26.80 -26.87
N ILE A 461 9.75 25.99 -27.93
CA ILE A 461 10.21 24.61 -27.75
C ILE A 461 11.57 24.60 -27.05
N LEU A 462 12.51 25.39 -27.56
CA LEU A 462 13.82 25.54 -26.92
C LEU A 462 13.69 25.88 -25.45
N ARG A 463 12.65 26.63 -25.08
CA ARG A 463 12.40 26.91 -23.66
C ARG A 463 12.00 25.63 -22.93
N SER A 464 11.05 24.86 -23.49
CA SER A 464 10.60 23.65 -22.82
C SER A 464 11.74 22.65 -22.64
N LEU A 465 12.62 22.55 -23.64
CA LEU A 465 13.80 21.71 -23.47
C LEU A 465 14.70 22.22 -22.36
N GLY A 466 14.80 23.54 -22.20
CA GLY A 466 15.54 24.05 -21.06
C GLY A 466 14.85 23.77 -19.74
N ASN A 467 13.52 23.71 -19.75
CA ASN A 467 12.78 23.42 -18.53
C ASN A 467 12.92 21.95 -18.14
N ILE A 468 12.79 21.05 -19.12
CA ILE A 468 12.97 19.62 -18.88
C ILE A 468 14.33 19.35 -18.25
N ILE A 469 15.39 19.89 -18.83
CA ILE A 469 16.73 19.63 -18.31
C ILE A 469 16.89 20.23 -16.92
N SER A 470 16.34 21.42 -16.69
CA SER A 470 16.46 22.05 -15.37
C SER A 470 15.69 21.25 -14.32
N VAL A 471 14.50 20.75 -14.66
CA VAL A 471 13.74 19.96 -13.70
C VAL A 471 14.41 18.62 -13.45
N LEU A 472 14.86 17.95 -14.52
CA LEU A 472 15.51 16.64 -14.35
C LEU A 472 16.76 16.75 -13.51
N ASP A 473 17.53 17.83 -13.69
CA ASP A 473 18.74 18.04 -12.90
C ASP A 473 18.42 18.20 -11.43
N ARG A 474 17.33 18.91 -11.10
CA ARG A 474 16.97 19.07 -9.70
C ARG A 474 16.44 17.76 -9.11
N MET A 475 15.71 16.98 -9.92
CA MET A 475 15.17 15.71 -9.44
C MET A 475 16.26 14.71 -9.12
N MET A 476 17.24 14.55 -10.02
CA MET A 476 18.25 13.50 -9.89
C MET A 476 19.48 13.93 -9.09
N ARG A 477 19.86 15.21 -9.15
CA ARG A 477 21.12 15.62 -8.52
C ARG A 477 21.02 15.57 -7.00
N SER A 478 19.91 16.02 -6.42
CA SER A 478 19.79 16.14 -4.98
C SER A 478 18.38 15.76 -4.51
N ASP A 479 18.25 15.63 -3.18
CA ASP A 479 16.98 15.45 -2.50
C ASP A 479 16.23 16.77 -2.31
N GLU A 480 16.49 17.77 -3.16
CA GLU A 480 15.80 19.05 -3.05
C GLU A 480 14.41 18.98 -3.71
N VAL A 481 14.36 18.43 -4.93
CA VAL A 481 13.11 18.24 -5.66
C VAL A 481 12.92 16.73 -5.89
N CYS A 482 11.67 16.28 -5.81
CA CYS A 482 11.41 14.86 -6.01
C CYS A 482 10.82 14.55 -7.39
N ASN A 483 9.88 15.36 -7.88
CA ASN A 483 9.28 15.10 -9.19
C ASN A 483 8.81 16.42 -9.80
N GLY A 484 8.18 16.34 -10.96
CA GLY A 484 7.84 17.55 -11.68
C GLY A 484 6.89 17.29 -12.82
N CYS A 485 6.25 18.37 -13.24
CA CYS A 485 5.39 18.38 -14.43
C CYS A 485 5.79 19.57 -15.30
N VAL A 486 5.96 19.32 -16.59
CA VAL A 486 6.26 20.35 -17.59
C VAL A 486 5.24 20.23 -18.70
N VAL A 487 4.60 21.36 -19.07
CA VAL A 487 3.74 21.42 -20.25
C VAL A 487 4.61 21.70 -21.47
N VAL A 488 4.34 21.00 -22.57
CA VAL A 488 5.16 21.06 -23.78
C VAL A 488 4.24 21.17 -24.99
N SER A 489 4.83 21.51 -26.14
CA SER A 489 4.13 21.62 -27.41
C SER A 489 4.48 20.50 -28.37
N ASP A 490 5.77 20.25 -28.58
CA ASP A 490 6.23 19.20 -29.48
C ASP A 490 6.64 18.00 -28.65
N LEU A 491 5.96 16.87 -28.89
CA LEU A 491 6.27 15.67 -28.13
C LEU A 491 7.64 15.11 -28.49
N SER A 492 7.91 14.95 -29.79
CA SER A 492 9.08 14.20 -30.24
C SER A 492 10.38 14.75 -29.64
N VAL A 493 10.64 16.04 -29.83
CA VAL A 493 11.87 16.63 -29.30
C VAL A 493 11.88 16.62 -27.78
N SER A 494 10.70 16.85 -27.17
CA SER A 494 10.61 16.89 -25.71
C SER A 494 10.89 15.50 -25.12
N VAL A 495 10.25 14.47 -25.67
CA VAL A 495 10.44 13.11 -25.18
C VAL A 495 11.89 12.68 -25.35
N GLN A 496 12.47 12.96 -26.52
CA GLN A 496 13.85 12.56 -26.79
C GLN A 496 14.82 13.25 -25.84
N CYS A 497 14.64 14.55 -25.60
CA CYS A 497 15.55 15.24 -24.68
C CYS A 497 15.34 14.75 -23.25
N ALA A 498 14.09 14.55 -22.84
CA ALA A 498 13.84 14.04 -21.50
C ALA A 498 14.51 12.67 -21.32
N LEU A 499 14.20 11.72 -22.20
CA LEU A 499 14.73 10.37 -22.03
C LEU A 499 16.25 10.35 -22.14
N GLN A 500 16.80 10.93 -23.22
CA GLN A 500 18.25 10.89 -23.41
C GLN A 500 19.01 11.62 -22.32
N HIS A 501 18.43 12.70 -21.75
CA HIS A 501 19.14 13.38 -20.67
C HIS A 501 19.05 12.60 -19.37
N ALA A 502 17.94 11.90 -19.16
CA ALA A 502 17.82 11.04 -17.99
C ALA A 502 18.80 9.87 -18.05
N LEU A 503 18.96 9.27 -19.24
CA LEU A 503 19.84 8.11 -19.39
C LEU A 503 21.30 8.43 -19.09
N THR A 504 21.70 9.70 -19.20
CA THR A 504 23.09 10.08 -18.94
C THR A 504 23.26 10.81 -17.60
N GLU A 505 22.21 10.91 -16.79
CA GLU A 505 22.34 11.49 -15.45
C GLU A 505 23.40 10.83 -14.56
N PRO A 506 23.60 9.49 -14.56
CA PRO A 506 22.88 8.41 -15.27
C PRO A 506 21.71 7.81 -14.46
N ALA A 507 20.61 7.54 -15.17
CA ALA A 507 19.51 6.73 -14.67
C ALA A 507 19.59 5.38 -15.39
N GLU A 508 20.00 4.35 -14.65
CA GLU A 508 20.27 3.06 -15.29
C GLU A 508 19.02 2.49 -15.97
N ARG A 509 17.84 2.85 -15.50
CA ARG A 509 16.59 2.29 -16.00
C ARG A 509 15.51 3.37 -15.96
N VAL A 510 14.75 3.49 -17.03
CA VAL A 510 13.68 4.49 -17.13
C VAL A 510 12.41 3.80 -17.59
N LEU A 511 11.35 3.93 -16.78
CA LEU A 511 10.02 3.50 -17.18
C LEU A 511 9.28 4.64 -17.83
N VAL A 512 8.75 4.41 -19.03
CA VAL A 512 8.00 5.40 -19.79
C VAL A 512 6.53 4.98 -19.79
N VAL A 513 5.64 5.90 -19.42
CA VAL A 513 4.20 5.66 -19.43
C VAL A 513 3.58 6.72 -20.32
N TYR A 514 2.98 6.27 -21.43
CA TYR A 514 2.57 7.16 -22.50
C TYR A 514 1.09 6.94 -22.78
N VAL A 515 0.29 7.99 -22.64
CA VAL A 515 -1.11 7.97 -23.03
C VAL A 515 -1.21 8.68 -24.37
N GLY A 516 -1.45 7.91 -25.42
CA GLY A 516 -1.54 8.46 -26.75
C GLY A 516 -1.19 7.43 -27.81
N ASP A 517 -1.34 7.83 -29.05
CA ASP A 517 -1.07 6.96 -30.18
C ASP A 517 0.18 7.42 -30.91
N GLY A 518 0.57 6.65 -31.92
CA GLY A 518 1.82 6.89 -32.60
C GLY A 518 2.96 6.24 -31.88
N GLU A 519 4.15 6.32 -32.50
CA GLU A 519 5.37 5.82 -31.91
C GLU A 519 6.20 7.00 -31.41
N LEU A 520 6.93 6.77 -30.33
CA LEU A 520 7.77 7.81 -29.78
C LEU A 520 9.22 7.58 -30.19
N PRO A 521 10.07 8.59 -30.07
CA PRO A 521 11.52 8.35 -30.21
C PRO A 521 12.09 7.62 -29.00
N VAL A 522 11.55 6.44 -28.71
CA VAL A 522 11.93 5.63 -27.56
C VAL A 522 12.31 4.24 -28.05
N LYS A 523 13.57 3.86 -27.85
CA LYS A 523 14.07 2.54 -28.24
C LYS A 523 14.14 1.64 -27.00
N THR A 524 13.50 0.47 -27.08
CA THR A 524 13.49 -0.49 -25.97
C THR A 524 14.27 -1.76 -26.31
N ASN A 525 15.36 -1.61 -27.08
CA ASN A 525 16.13 -2.78 -27.52
C ASN A 525 17.09 -3.26 -26.42
N ASP A 526 17.79 -2.34 -25.75
CA ASP A 526 18.62 -2.69 -24.61
C ASP A 526 17.72 -2.94 -23.39
N GLY A 527 18.31 -3.12 -22.22
CA GLY A 527 17.45 -3.35 -21.06
C GLY A 527 17.11 -2.13 -20.25
N LYS A 528 17.29 -0.93 -20.80
CA LYS A 528 17.27 0.29 -19.99
C LYS A 528 15.94 1.02 -20.01
N VAL A 529 15.03 0.71 -20.93
CA VAL A 529 13.73 1.36 -21.02
C VAL A 529 12.65 0.29 -21.07
N PHE A 530 11.59 0.48 -20.29
CA PHE A 530 10.33 -0.23 -20.51
C PHE A 530 9.25 0.79 -20.86
N LEU A 531 8.52 0.53 -21.92
CA LEU A 531 7.47 1.45 -22.38
C LEU A 531 6.08 0.86 -22.13
N VAL A 532 5.29 1.55 -21.31
CA VAL A 532 3.86 1.31 -21.20
C VAL A 532 3.15 2.33 -22.07
N GLN A 533 2.28 1.87 -22.96
CA GLN A 533 1.54 2.74 -23.85
C GLN A 533 0.06 2.44 -23.75
N ILE A 534 -0.74 3.47 -23.47
CA ILE A 534 -2.20 3.38 -23.42
C ILE A 534 -2.73 4.08 -24.66
N CYS A 535 -3.22 3.32 -25.63
CA CYS A 535 -3.55 3.85 -26.94
C CYS A 535 -4.98 3.49 -27.32
N THR A 536 -5.39 3.95 -28.51
CA THR A 536 -6.73 3.76 -29.02
C THR A 536 -6.82 2.75 -30.16
N LYS A 537 -5.71 2.46 -30.82
CA LYS A 537 -5.67 1.51 -31.93
C LYS A 537 -4.85 0.30 -31.52
N GLU A 538 -5.39 -0.90 -31.81
CA GLU A 538 -4.72 -2.14 -31.40
C GLU A 538 -3.49 -2.36 -32.26
N THR A 539 -2.31 -2.13 -31.68
CA THR A 539 -1.05 -2.33 -32.38
C THR A 539 -0.33 -3.55 -31.82
N GLU A 540 0.21 -4.37 -32.73
CA GLU A 540 0.89 -5.61 -32.36
C GLU A 540 2.13 -5.30 -31.52
N ASP A 541 2.07 -5.65 -30.23
CA ASP A 541 3.26 -5.60 -29.38
C ASP A 541 4.13 -6.82 -29.70
N LYS A 542 5.40 -6.58 -30.00
CA LYS A 542 6.25 -7.63 -30.53
C LYS A 542 7.32 -8.13 -29.57
N CYS A 543 7.88 -7.28 -28.71
CA CYS A 543 8.91 -7.71 -27.77
C CYS A 543 8.43 -7.47 -26.34
N VAL A 544 9.24 -7.92 -25.37
CA VAL A 544 8.80 -7.99 -23.99
C VAL A 544 9.28 -6.80 -23.15
N ASN A 545 9.76 -5.74 -23.78
CA ASN A 545 10.03 -4.50 -23.05
C ASN A 545 8.99 -3.43 -23.36
N ARG A 546 7.81 -3.84 -23.81
CA ARG A 546 6.72 -2.95 -24.13
C ARG A 546 5.41 -3.60 -23.70
N LEU A 547 4.53 -2.81 -23.10
CA LEU A 547 3.18 -3.22 -22.74
C LEU A 547 2.23 -2.25 -23.43
N THR A 548 1.48 -2.75 -24.40
CA THR A 548 0.58 -1.90 -25.18
C THR A 548 -0.85 -2.26 -24.84
N LEU A 549 -1.61 -1.28 -24.35
CA LEU A 549 -2.96 -1.49 -23.84
C LEU A 549 -3.90 -0.73 -24.76
N CYS A 550 -4.59 -1.46 -25.63
CA CYS A 550 -5.61 -0.89 -26.50
C CYS A 550 -6.95 -1.12 -25.81
N LEU A 551 -7.49 -0.05 -25.23
CA LEU A 551 -8.67 -0.14 -24.39
C LEU A 551 -9.90 0.35 -25.16
N ARG A 552 -10.90 -0.52 -25.29
CA ARG A 552 -12.12 -0.19 -26.01
C ARG A 552 -12.80 1.03 -25.37
N GLU A 553 -12.96 2.08 -26.19
CA GLU A 553 -13.52 3.34 -25.71
C GLU A 553 -14.99 3.18 -25.35
N GLY A 554 -15.37 3.73 -24.20
CA GLY A 554 -16.74 3.63 -23.74
C GLY A 554 -16.85 3.94 -22.26
N GLU A 555 -18.01 3.59 -21.70
CA GLU A 555 -18.26 3.76 -20.28
C GLU A 555 -17.53 2.73 -19.43
N SER A 556 -16.92 1.73 -20.06
CA SER A 556 -16.19 0.66 -19.39
C SER A 556 -14.75 1.02 -19.08
N LEU A 557 -14.29 2.20 -19.49
CA LEU A 557 -12.85 2.45 -19.60
C LEU A 557 -12.19 2.55 -18.24
N THR A 558 -12.88 3.13 -17.26
CA THR A 558 -12.23 3.34 -15.97
C THR A 558 -11.95 2.01 -15.26
N ALA A 559 -12.91 1.09 -15.28
CA ALA A 559 -12.69 -0.22 -14.70
C ALA A 559 -11.55 -0.95 -15.39
N GLY A 560 -11.54 -0.94 -16.72
CA GLY A 560 -10.48 -1.61 -17.46
C GLY A 560 -9.11 -1.06 -17.13
N PHE A 561 -8.97 0.27 -17.14
CA PHE A 561 -7.67 0.87 -16.86
C PHE A 561 -7.18 0.49 -15.46
N MET A 562 -8.04 0.60 -14.45
CA MET A 562 -7.63 0.21 -13.09
C MET A 562 -7.22 -1.25 -13.03
N GLN A 563 -7.97 -2.12 -13.71
CA GLN A 563 -7.60 -3.53 -13.76
C GLN A 563 -6.21 -3.71 -14.37
N ALA A 564 -5.95 -3.03 -15.51
CA ALA A 564 -4.63 -3.08 -16.13
C ALA A 564 -3.57 -2.49 -15.22
N LEU A 565 -3.92 -1.43 -14.47
CA LEU A 565 -2.91 -0.77 -13.64
C LEU A 565 -2.45 -1.71 -12.52
N LEU A 566 -3.39 -2.33 -11.82
CA LEU A 566 -3.02 -3.16 -10.68
C LEU A 566 -2.49 -4.53 -11.11
N GLY A 567 -3.01 -5.10 -12.19
CA GLY A 567 -2.69 -6.46 -12.56
C GLY A 567 -1.61 -6.61 -13.63
N LEU A 568 -1.27 -5.53 -14.32
CA LEU A 568 -0.23 -5.57 -15.34
C LEU A 568 0.83 -4.49 -15.15
N ILE A 569 0.40 -3.23 -15.14
CA ILE A 569 1.38 -2.13 -15.13
C ILE A 569 2.21 -2.17 -13.87
N LEU A 570 1.56 -2.23 -12.71
CA LEU A 570 2.32 -2.21 -11.46
C LEU A 570 3.22 -3.43 -11.29
N PRO A 571 2.77 -4.67 -11.56
CA PRO A 571 3.72 -5.80 -11.46
C PRO A 571 4.97 -5.61 -12.33
N VAL A 572 4.82 -5.19 -13.59
CA VAL A 572 5.99 -5.04 -14.44
C VAL A 572 6.88 -3.91 -13.94
N ALA A 573 6.28 -2.73 -13.69
CA ALA A 573 7.05 -1.60 -13.19
C ALA A 573 7.86 -1.98 -11.96
N TYR A 574 7.24 -2.66 -11.01
CA TYR A 574 7.93 -3.01 -9.78
C TYR A 574 9.09 -3.97 -10.03
N GLU A 575 8.91 -4.94 -10.92
CA GLU A 575 10.03 -5.83 -11.25
C GLU A 575 11.13 -5.10 -12.01
N PHE A 576 10.75 -4.28 -12.99
CA PHE A 576 11.72 -3.45 -13.73
C PHE A 576 12.58 -2.60 -12.77
N ASN A 577 11.96 -2.03 -11.73
CA ASN A 577 12.65 -1.16 -10.77
C ASN A 577 13.36 0.01 -11.45
N PRO A 578 12.64 0.94 -12.08
CA PRO A 578 13.29 2.05 -12.78
C PRO A 578 13.91 3.03 -11.79
N ALA A 579 14.88 3.81 -12.31
CA ALA A 579 15.42 4.94 -11.56
C ALA A 579 14.69 6.24 -11.82
N LEU A 580 13.88 6.30 -12.88
CA LEU A 580 13.06 7.45 -13.19
C LEU A 580 11.82 6.96 -13.90
N VAL A 581 10.70 7.62 -13.64
CA VAL A 581 9.47 7.40 -14.41
C VAL A 581 9.24 8.64 -15.26
N LEU A 582 8.90 8.42 -16.53
CA LEU A 582 8.61 9.50 -17.47
C LEU A 582 7.18 9.32 -17.95
N GLY A 583 6.28 10.19 -17.51
CA GLY A 583 4.90 10.17 -18.00
C GLY A 583 4.72 11.12 -19.17
N ILE A 584 3.87 10.73 -20.12
CA ILE A 584 3.68 11.47 -21.36
C ILE A 584 2.22 11.34 -21.75
N VAL A 585 1.57 12.49 -21.99
CA VAL A 585 0.17 12.53 -22.41
C VAL A 585 0.10 13.39 -23.66
N GLU A 586 -0.39 12.81 -24.76
CA GLU A 586 -0.60 13.60 -25.95
C GLU A 586 -1.92 14.37 -25.85
N GLU A 587 -2.05 15.42 -26.66
CA GLU A 587 -3.19 16.33 -26.54
C GLU A 587 -4.50 15.66 -26.91
N THR A 588 -4.49 14.76 -27.90
CA THR A 588 -5.70 14.03 -28.27
C THR A 588 -6.13 13.07 -27.17
N LEU A 594 -11.30 10.43 -22.13
CA LEU A 594 -11.09 11.09 -20.84
C LEU A 594 -10.50 10.12 -19.83
N MET A 595 -9.84 10.66 -18.81
CA MET A 595 -9.05 9.83 -17.91
C MET A 595 -9.07 10.44 -16.50
N ARG A 596 -10.18 10.22 -15.79
CA ARG A 596 -10.24 10.42 -14.35
C ARG A 596 -9.53 9.30 -13.58
N VAL A 597 -8.63 8.60 -14.26
CA VAL A 597 -7.75 7.62 -13.62
C VAL A 597 -6.35 8.17 -13.41
N TRP A 598 -6.03 9.33 -13.97
CA TRP A 598 -4.65 9.82 -13.98
C TRP A 598 -4.12 10.03 -12.56
N GLY A 599 -4.98 10.49 -11.65
CA GLY A 599 -4.54 10.74 -10.30
C GLY A 599 -4.15 9.46 -9.57
N HIS A 600 -4.91 8.39 -9.79
CA HIS A 600 -4.57 7.11 -9.18
C HIS A 600 -3.24 6.58 -9.73
N MET A 601 -3.06 6.66 -11.05
CA MET A 601 -1.82 6.17 -11.62
C MET A 601 -0.62 6.97 -11.12
N THR A 602 -0.73 8.30 -11.19
CA THR A 602 0.34 9.17 -10.74
C THR A 602 0.71 8.88 -9.29
N CYS A 603 -0.28 8.60 -8.45
CA CYS A 603 0.00 8.27 -7.05
C CYS A 603 0.67 6.91 -6.92
N LEU A 604 0.07 5.86 -7.51
CA LEU A 604 0.60 4.51 -7.35
C LEU A 604 1.97 4.35 -8.01
N ILE A 605 2.19 5.00 -9.16
CA ILE A 605 3.46 4.90 -9.86
C ILE A 605 4.59 5.59 -9.11
N GLN A 606 4.29 6.41 -8.10
CA GLN A 606 5.35 6.96 -7.26
C GLN A 606 5.94 5.95 -6.29
N GLY A 607 5.38 4.74 -6.21
CA GLY A 607 6.07 3.67 -5.52
C GLY A 607 7.39 3.27 -6.17
N LEU A 608 7.59 3.63 -7.44
CA LEU A 608 8.83 3.35 -8.15
C LEU A 608 9.76 4.57 -8.17
N ALA A 609 11.05 4.30 -8.33
CA ALA A 609 12.09 5.32 -8.55
C ALA A 609 12.14 6.35 -7.44
N ARG A 610 11.86 5.95 -6.19
CA ARG A 610 11.83 6.89 -5.05
C ARG A 610 10.90 8.06 -5.32
N GLY A 611 9.86 7.85 -6.12
CA GLY A 611 8.92 8.90 -6.43
C GLY A 611 9.35 9.86 -7.51
N ARG A 612 10.48 9.61 -8.16
CA ARG A 612 11.04 10.54 -9.16
C ARG A 612 10.33 10.31 -10.48
N MET A 613 9.30 11.12 -10.73
CA MET A 613 8.51 11.04 -11.95
C MET A 613 8.50 12.40 -12.63
N LEU A 614 8.83 12.42 -13.92
CA LEU A 614 8.65 13.62 -14.75
C LEU A 614 7.48 13.37 -15.69
N THR A 615 6.50 14.26 -15.65
CA THR A 615 5.33 14.18 -16.52
C THR A 615 5.37 15.30 -17.55
N LEU A 616 5.30 14.94 -18.83
CA LEU A 616 5.18 15.88 -19.93
C LEU A 616 3.73 15.89 -20.43
N LEU A 617 3.05 17.02 -20.28
CA LEU A 617 1.70 17.21 -20.82
C LEU A 617 1.79 18.01 -22.10
N GLN A 618 1.30 17.45 -23.20
CA GLN A 618 1.28 18.14 -24.47
C GLN A 618 0.01 18.99 -24.57
N GLY A 619 0.18 20.31 -24.65
CA GLY A 619 -0.92 21.24 -24.63
C GLY A 619 -1.36 21.58 -23.22
N TYR A 620 -1.94 22.76 -23.08
CA TYR A 620 -2.43 23.21 -21.78
C TYR A 620 -3.84 22.68 -21.55
N ASP A 621 -4.03 21.99 -20.43
CA ASP A 621 -5.34 21.64 -19.91
C ASP A 621 -5.31 21.99 -18.43
N LYS A 622 -6.10 22.98 -18.04
CA LYS A 622 -6.07 23.46 -16.66
C LYS A 622 -6.35 22.34 -15.67
N ASP A 623 -7.37 21.52 -15.95
CA ASP A 623 -7.78 20.50 -15.00
C ASP A 623 -6.77 19.36 -14.94
N LEU A 624 -6.29 18.88 -16.09
CA LEU A 624 -5.32 17.79 -16.10
C LEU A 624 -4.02 18.22 -15.44
N LEU A 625 -3.62 19.48 -15.64
CA LEU A 625 -2.40 19.98 -15.00
C LEU A 625 -2.58 20.12 -13.50
N GLU A 626 -3.76 20.56 -13.06
CA GLU A 626 -4.02 20.67 -11.63
C GLU A 626 -4.05 19.29 -10.99
N LEU A 627 -4.68 18.32 -11.67
CA LEU A 627 -4.77 16.96 -11.16
C LEU A 627 -3.39 16.31 -11.06
N THR A 628 -2.59 16.43 -12.12
CA THR A 628 -1.24 15.87 -12.13
C THR A 628 -0.39 16.44 -10.99
N VAL A 629 -0.37 17.77 -10.85
CA VAL A 629 0.43 18.39 -9.80
C VAL A 629 -0.05 17.97 -8.42
N SER A 630 -1.38 17.87 -8.25
CA SER A 630 -1.93 17.49 -6.95
C SER A 630 -1.46 16.08 -6.55
N ALA A 631 -1.51 15.13 -7.48
CA ALA A 631 -1.10 13.77 -7.17
C ALA A 631 0.41 13.67 -6.99
N LEU A 632 1.19 14.38 -7.82
CA LEU A 632 2.64 14.36 -7.65
C LEU A 632 3.07 14.91 -6.30
N SER A 633 2.33 15.92 -5.80
CA SER A 633 2.71 16.59 -4.56
C SER A 633 2.29 15.81 -3.33
N GLY A 634 1.60 14.68 -3.51
CA GLY A 634 1.24 13.86 -2.38
C GLY A 634 -0.10 14.18 -1.77
N ALA A 635 -0.94 14.94 -2.48
CA ALA A 635 -2.27 15.24 -1.97
C ALA A 635 -3.17 14.01 -2.06
N SER A 636 -4.31 14.10 -1.37
CA SER A 636 -5.29 13.02 -1.34
C SER A 636 -5.92 12.83 -2.72
N ILE A 637 -6.10 11.57 -3.09
CA ILE A 637 -6.71 11.20 -4.35
C ILE A 637 -8.21 11.06 -4.13
N SER A 638 -9.00 11.65 -4.99
CA SER A 638 -10.45 11.52 -4.82
C SER A 638 -10.91 10.13 -5.28
N PRO A 639 -11.85 9.51 -4.55
CA PRO A 639 -12.23 8.13 -4.87
C PRO A 639 -12.87 8.00 -6.25
N LEU A 640 -12.87 6.77 -6.76
CA LEU A 640 -13.48 6.47 -8.05
C LEU A 640 -14.95 6.11 -7.95
N GLY A 641 -15.41 5.67 -6.79
CA GLY A 641 -16.73 5.11 -6.63
C GLY A 641 -16.93 3.92 -7.54
N PRO A 642 -18.14 3.80 -8.11
CA PRO A 642 -18.54 2.76 -9.07
C PRO A 642 -18.16 3.12 -10.51
N ARG A 644 -17.22 -1.38 -10.31
CA ARG A 644 -18.00 -1.95 -11.42
C ARG A 644 -17.14 -2.81 -12.35
N ALA A 645 -17.71 -3.27 -13.51
CA ALA A 645 -17.12 -4.32 -14.32
C ALA A 645 -16.66 -3.82 -15.68
N PRO A 646 -15.55 -4.39 -16.21
CA PRO A 646 -15.07 -3.98 -17.54
C PRO A 646 -15.45 -4.96 -18.65
N LYS A 647 -15.25 -4.53 -19.92
CA LYS A 647 -15.64 -5.32 -21.08
C LYS A 647 -14.84 -6.62 -21.16
N PRO A 648 -15.49 -7.74 -21.53
CA PRO A 648 -14.74 -8.98 -21.76
C PRO A 648 -13.67 -8.84 -22.83
N GLU A 649 -13.90 -8.00 -23.84
CA GLU A 649 -12.86 -7.72 -24.82
C GLU A 649 -11.60 -7.16 -24.16
N ASP A 650 -11.78 -6.29 -23.17
CA ASP A 650 -10.62 -5.69 -22.49
C ASP A 650 -9.94 -6.68 -21.57
N VAL A 651 -10.73 -7.47 -20.83
CA VAL A 651 -10.15 -8.52 -19.98
C VAL A 651 -9.36 -9.50 -20.83
N GLU A 652 -9.91 -9.92 -21.97
CA GLU A 652 -9.20 -10.83 -22.85
C GLU A 652 -7.90 -10.21 -23.36
N MET A 653 -7.93 -8.92 -23.73
CA MET A 653 -6.72 -8.24 -24.21
C MET A 653 -5.67 -8.19 -23.10
N MET A 654 -6.10 -7.92 -21.87
CA MET A 654 -5.15 -7.84 -20.76
C MET A 654 -4.54 -9.20 -20.45
N GLU A 655 -5.34 -10.26 -20.45
CA GLU A 655 -4.78 -11.58 -20.16
C GLU A 655 -3.85 -12.07 -21.26
N LYS A 656 -4.14 -11.73 -22.52
CA LYS A 656 -3.18 -11.99 -23.59
C LYS A 656 -1.86 -11.28 -23.32
N GLN A 657 -1.91 -10.05 -22.79
CA GLN A 657 -0.68 -9.36 -22.41
C GLN A 657 0.04 -10.11 -21.29
N ARG A 658 -0.71 -10.56 -20.27
CA ARG A 658 -0.07 -11.33 -19.20
C ARG A 658 0.58 -12.59 -19.74
N GLN A 659 -0.13 -13.32 -20.59
CA GLN A 659 0.44 -14.54 -21.17
C GLN A 659 1.70 -14.22 -21.95
N ARG A 660 1.69 -13.12 -22.69
CA ARG A 660 2.83 -12.73 -23.51
C ARG A 660 4.02 -12.26 -22.68
N LEU A 661 3.81 -11.75 -21.46
CA LEU A 661 4.89 -11.11 -20.72
C LEU A 661 5.35 -11.83 -19.46
N GLN A 662 4.57 -12.76 -18.93
CA GLN A 662 4.84 -13.26 -17.58
C GLN A 662 6.04 -14.18 -17.50
N GLU A 663 6.45 -14.80 -18.62
CA GLU A 663 7.67 -15.61 -18.60
C GLU A 663 8.89 -14.72 -18.37
N ARG A 664 8.90 -13.53 -18.98
CA ARG A 664 9.98 -12.57 -18.71
C ARG A 664 9.77 -11.84 -17.38
N TRP A 665 8.54 -11.44 -17.07
CA TRP A 665 8.25 -10.62 -15.90
C TRP A 665 7.41 -11.46 -14.93
N GLY A 666 8.08 -12.20 -14.05
CA GLY A 666 7.39 -13.20 -13.25
C GLY A 666 6.43 -12.64 -12.23
N LEU A 667 6.60 -11.38 -11.82
CA LEU A 667 5.69 -10.77 -10.86
C LEU A 667 4.29 -10.65 -11.44
N LEU A 668 4.15 -10.79 -12.76
CA LEU A 668 2.83 -10.82 -13.38
C LEU A 668 2.07 -12.11 -13.10
N ARG A 669 2.73 -13.16 -12.61
CA ARG A 669 2.09 -14.47 -12.54
C ARG A 669 1.09 -14.50 -11.39
N CYS A 670 -0.09 -15.03 -11.67
CA CYS A 670 -1.07 -15.26 -10.62
C CYS A 670 -1.68 -16.66 -10.74
N THR A 671 -0.93 -17.59 -11.33
CA THR A 671 -1.20 -19.03 -11.35
C THR A 671 0.13 -19.78 -11.28
N VAL A 672 0.08 -21.04 -10.89
CA VAL A 672 1.29 -21.85 -10.92
C VAL A 672 1.66 -22.16 -12.37
N SER A 673 2.94 -22.01 -12.70
CA SER A 673 3.43 -22.36 -14.03
C SER A 673 3.26 -23.85 -14.31
N GLU A 674 2.86 -24.18 -15.53
CA GLU A 674 2.79 -25.58 -15.96
C GLU A 674 4.18 -26.08 -16.34
N SER A 675 4.65 -27.12 -15.65
CA SER A 675 5.97 -27.67 -15.96
C SER A 675 5.90 -28.61 -17.15
N TRP A 676 6.98 -28.63 -17.93
CA TRP A 676 7.08 -29.44 -19.13
C TRP A 676 6.90 -30.93 -18.83
C15 9DL B . 5.20 -20.70 20.64
C17 9DL B . 7.60 -21.09 20.98
C20 9DL B . 4.91 -21.80 21.49
C01 9DL B . 2.81 -17.02 19.47
C03 9DL B . 0.40 -17.11 19.52
C04 9DL B . 0.57 -16.13 18.33
C05 9DL B . -0.08 -14.73 18.57
C06 9DL B . 1.01 -13.69 18.24
C07 9DL B . 0.57 -12.65 17.14
C11 9DL B . 1.76 -19.19 19.15
C12 9DL B . 2.64 -20.17 19.86
C16 9DL B . 6.55 -20.36 20.38
C18 9DL B . 7.30 -22.22 21.85
C19 9DL B . 5.98 -22.55 22.10
N02 9DL B . 1.70 -17.83 19.85
N09 9DL B . -0.73 -12.62 16.69
N14 9DL B . 4.12 -19.86 19.97
O08 9DL B . 1.34 -11.94 16.69
O10 9DL B . -1.10 -11.66 15.70
O13 9DL B . 2.16 -21.15 20.31
ZN ZN C . 0.95 -12.09 14.63
K K D . -2.99 -11.61 9.02
K K E . -16.84 -9.34 6.24
P PO4 F . -4.50 -25.49 1.70
O1 PO4 F . -3.99 -25.71 0.30
O2 PO4 F . -3.80 -26.37 2.71
O3 PO4 F . -4.26 -24.01 2.06
O4 PO4 F . -5.96 -25.82 1.78
P PO4 G . 2.46 -26.28 -1.17
O1 PO4 G . 3.77 -25.96 -1.85
O2 PO4 G . 1.80 -24.98 -0.80
O3 PO4 G . 2.64 -27.12 0.07
O4 PO4 G . 1.59 -27.02 -2.15
P PO4 H . 15.59 8.43 8.33
O1 PO4 H . 15.69 9.19 7.03
O2 PO4 H . 15.47 6.95 8.05
O3 PO4 H . 16.83 8.70 9.17
O4 PO4 H . 14.37 8.93 9.07
NA NA I . -1.82 -21.66 28.18
#